data_5W6O
#
_entry.id   5W6O
#
_cell.length_a   55.950
_cell.length_b   122.350
_cell.length_c   131.400
_cell.angle_alpha   90.00
_cell.angle_beta   90.00
_cell.angle_gamma   90.00
#
_symmetry.space_group_name_H-M   'P 21 21 21'
#
loop_
_entity.id
_entity.type
_entity.pdbx_description
1 polymer 'Choline kinase alpha'
2 non-polymer "1,1'-[[1,1'-biphenyl]-4,4'-diylbis(methylene)]bis{4-[(4-chlorophenyl)(methyl)amino]quinolin-1-ium}"
3 non-polymer '2-(N-MORPHOLINO)-ETHANESULFONIC ACID'
4 non-polymer 1,2-ETHANEDIOL
5 water water
#
_entity_poly.entity_id   1
_entity_poly.type   'polypeptide(L)'
_entity_poly.pdbx_seq_one_letter_code
;DEQPEPRTRRRAYLWCKEFLPGAWRGLREDEFHISVIRGGLSNMLFQCSLPDTTATLGDEPRKVLLRLYGAILQMRSCNK
EGSEQAQKENEFQGAEAMVLESVMFAILAERSLGPKLYGIFPQGRLEQFIPSRRLDTEELSLPDISAEIAEKMATFHGMK
MPFNKEPKWLFGTMEKYLKEVLRIKFTEESRIKKLHKLLSYNLPLELENLRSLLESTPSPVVFCHNDCQEGNILLLEGRE
NSEKQKLMLIDFEYSSYNYRGFDIGNHFCEWMYDYSYEKYPFFRANIRKYPTKKQQLHFISSYLPAFQNDFENLSTEEKS
IIKEEMLLEVNRFALASHFLWGLWSIVQAKISSIEFGYMDYAQARFDAYFHQKRKLGV
;
_entity_poly.pdbx_strand_id   A,B
#
# COMPACT_ATOMS: atom_id res chain seq x y z
N GLU A 2 -20.04 -11.76 -22.90
CA GLU A 2 -20.60 -12.42 -21.70
C GLU A 2 -21.00 -11.40 -20.62
N GLN A 3 -22.21 -11.56 -20.09
CA GLN A 3 -22.73 -10.74 -18.97
C GLN A 3 -22.66 -11.51 -17.63
N PRO A 4 -22.42 -10.81 -16.50
CA PRO A 4 -22.52 -11.44 -15.18
C PRO A 4 -23.96 -11.44 -14.65
N GLU A 5 -24.17 -12.04 -13.46
CA GLU A 5 -25.50 -12.07 -12.82
C GLU A 5 -25.91 -10.63 -12.47
N PRO A 6 -27.23 -10.29 -12.52
CA PRO A 6 -27.65 -8.90 -12.24
C PRO A 6 -27.24 -8.34 -10.85
N ARG A 7 -27.03 -9.24 -9.88
CA ARG A 7 -26.49 -8.88 -8.55
C ARG A 7 -24.99 -8.44 -8.52
N THR A 8 -24.13 -9.08 -9.30
CA THR A 8 -22.72 -8.66 -9.43
C THR A 8 -22.63 -7.38 -10.25
N ARG A 9 -23.45 -7.31 -11.29
CA ARG A 9 -23.64 -6.11 -12.10
C ARG A 9 -23.93 -4.87 -11.27
N ARG A 10 -24.82 -5.01 -10.28
CA ARG A 10 -25.15 -3.94 -9.33
C ARG A 10 -23.92 -3.55 -8.49
N ARG A 11 -23.37 -4.52 -7.76
CA ARG A 11 -22.15 -4.34 -6.95
C ARG A 11 -21.05 -3.60 -7.71
N ALA A 12 -20.82 -4.03 -8.96
CA ALA A 12 -19.77 -3.47 -9.81
C ALA A 12 -20.07 -2.05 -10.13
N TYR A 13 -21.31 -1.78 -10.52
CA TYR A 13 -21.79 -0.41 -10.74
C TYR A 13 -21.42 0.52 -9.59
N LEU A 14 -21.64 0.07 -8.36
CA LEU A 14 -21.42 0.90 -7.18
C LEU A 14 -19.96 1.17 -6.93
N TRP A 15 -19.14 0.13 -7.09
CA TRP A 15 -17.70 0.31 -6.97
C TRP A 15 -17.16 1.33 -7.96
N CYS A 16 -17.56 1.25 -9.21
CA CYS A 16 -17.06 2.20 -10.18
C CYS A 16 -17.54 3.62 -9.88
N LYS A 17 -18.83 3.73 -9.60
CA LYS A 17 -19.49 4.99 -9.26
C LYS A 17 -18.80 5.67 -8.08
N GLU A 18 -18.60 4.91 -7.00
CA GLU A 18 -18.03 5.44 -5.76
C GLU A 18 -16.47 5.66 -5.79
N PHE A 19 -15.72 4.83 -6.52
CA PHE A 19 -14.25 4.92 -6.52
C PHE A 19 -13.63 5.73 -7.63
N LEU A 20 -14.30 5.88 -8.77
CA LEU A 20 -13.69 6.55 -9.92
C LEU A 20 -14.19 7.99 -10.00
N PRO A 21 -13.30 8.93 -10.38
CA PRO A 21 -13.71 10.34 -10.45
C PRO A 21 -14.31 10.73 -11.81
N GLY A 22 -14.62 12.02 -11.96
CA GLY A 22 -15.10 12.56 -13.25
C GLY A 22 -16.50 12.06 -13.56
N ALA A 23 -16.73 11.63 -14.80
CA ALA A 23 -18.07 11.29 -15.28
C ALA A 23 -18.68 10.12 -14.54
N TRP A 24 -17.82 9.23 -14.05
CA TRP A 24 -18.24 8.06 -13.26
C TRP A 24 -19.07 8.41 -12.01
N ARG A 25 -18.79 9.57 -11.39
CA ARG A 25 -19.42 9.93 -10.12
C ARG A 25 -20.91 10.18 -10.27
N GLY A 26 -21.31 10.77 -11.41
CA GLY A 26 -22.71 11.03 -11.74
C GLY A 26 -23.41 9.98 -12.61
N LEU A 27 -22.81 8.79 -12.73
CA LEU A 27 -23.27 7.79 -13.71
C LEU A 27 -24.44 6.97 -13.16
N ARG A 28 -25.43 6.66 -14.03
CA ARG A 28 -26.63 5.89 -13.65
C ARG A 28 -26.46 4.42 -13.98
N GLU A 29 -27.07 3.55 -13.18
CA GLU A 29 -26.98 2.09 -13.35
C GLU A 29 -27.26 1.67 -14.79
N ASP A 30 -28.26 2.31 -15.39
CA ASP A 30 -28.66 2.03 -16.78
C ASP A 30 -27.66 2.48 -17.86
N GLU A 31 -26.68 3.32 -17.53
CA GLU A 31 -25.63 3.69 -18.51
C GLU A 31 -24.29 2.94 -18.29
N PHE A 32 -24.26 2.02 -17.32
CA PHE A 32 -23.07 1.26 -16.95
C PHE A 32 -22.85 0.08 -17.92
N HIS A 33 -21.72 0.06 -18.64
CA HIS A 33 -21.33 -1.11 -19.47
C HIS A 33 -20.33 -2.01 -18.73
N ILE A 34 -20.68 -3.29 -18.59
CA ILE A 34 -19.76 -4.30 -18.06
C ILE A 34 -19.84 -5.61 -18.87
N SER A 35 -18.69 -6.28 -19.02
CA SER A 35 -18.58 -7.59 -19.68
C SER A 35 -17.44 -8.40 -19.07
N VAL A 36 -17.44 -9.72 -19.29
CA VAL A 36 -16.45 -10.61 -18.67
C VAL A 36 -15.16 -10.66 -19.50
N ILE A 37 -14.04 -10.94 -18.84
CA ILE A 37 -12.78 -11.35 -19.50
C ILE A 37 -12.34 -12.75 -19.04
N ARG A 38 -12.38 -12.99 -17.72
CA ARG A 38 -12.17 -14.32 -17.10
C ARG A 38 -13.11 -14.54 -15.90
N GLY A 39 -13.74 -15.71 -15.80
CA GLY A 39 -14.62 -16.08 -14.70
C GLY A 39 -14.08 -17.28 -13.92
N GLY A 40 -14.90 -17.79 -13.00
CA GLY A 40 -14.55 -18.96 -12.18
C GLY A 40 -14.87 -18.71 -10.71
N LEU A 41 -13.97 -19.19 -9.83
CA LEU A 41 -14.10 -19.05 -8.36
C LEU A 41 -12.97 -18.19 -7.69
N SER A 42 -11.90 -17.85 -8.43
CA SER A 42 -10.73 -17.12 -7.89
C SER A 42 -10.04 -16.24 -8.96
N ASN A 43 -9.84 -14.96 -8.63
CA ASN A 43 -9.42 -13.90 -9.59
C ASN A 43 -10.26 -13.86 -10.89
N MET A 44 -11.45 -13.24 -10.80
CA MET A 44 -12.38 -13.05 -11.93
C MET A 44 -12.30 -11.61 -12.44
N LEU A 45 -12.27 -11.44 -13.75
CA LEU A 45 -11.94 -10.17 -14.36
C LEU A 45 -13.10 -9.67 -15.19
N PHE A 46 -13.36 -8.36 -15.09
CA PHE A 46 -14.39 -7.71 -15.89
C PHE A 46 -13.84 -6.42 -16.46
N GLN A 47 -14.39 -6.02 -17.59
CA GLN A 47 -14.08 -4.77 -18.24
C GLN A 47 -15.29 -3.85 -18.00
N CYS A 48 -15.09 -2.75 -17.26
CA CYS A 48 -16.15 -1.82 -16.97
C CYS A 48 -15.88 -0.56 -17.74
N SER A 49 -16.92 0.05 -18.33
CA SER A 49 -16.72 1.30 -19.09
C SER A 49 -17.91 2.27 -19.14
N LEU A 50 -17.55 3.51 -19.46
CA LEU A 50 -18.49 4.55 -19.81
C LEU A 50 -19.11 4.24 -21.18
N PRO A 51 -20.38 4.68 -21.39
CA PRO A 51 -20.96 4.52 -22.72
C PRO A 51 -20.27 5.46 -23.69
N ASP A 52 -20.14 5.07 -24.95
CA ASP A 52 -19.39 5.86 -25.95
C ASP A 52 -19.88 7.32 -26.07
N THR A 53 -21.18 7.52 -25.87
CA THR A 53 -21.78 8.85 -25.91
C THR A 53 -21.39 9.78 -24.74
N THR A 54 -21.01 9.22 -23.57
CA THR A 54 -20.63 10.05 -22.40
C THR A 54 -19.22 10.63 -22.55
N ALA A 55 -19.08 11.91 -22.21
CA ALA A 55 -17.80 12.62 -22.25
C ALA A 55 -17.14 12.63 -20.87
N THR A 56 -15.82 12.58 -20.88
CA THR A 56 -15.03 12.73 -19.67
C THR A 56 -14.91 14.19 -19.28
N LEU A 57 -14.74 14.44 -17.98
CA LEU A 57 -14.63 15.80 -17.43
C LEU A 57 -13.20 16.23 -17.16
N GLY A 58 -12.28 15.26 -17.02
CA GLY A 58 -10.86 15.54 -16.82
C GLY A 58 -10.04 14.39 -17.38
N ASP A 59 -9.09 13.88 -16.59
CA ASP A 59 -8.23 12.79 -17.05
C ASP A 59 -8.64 11.40 -16.51
N GLU A 60 -9.90 11.23 -16.10
CA GLU A 60 -10.38 9.91 -15.65
C GLU A 60 -10.39 8.91 -16.80
N PRO A 61 -10.27 7.60 -16.50
CA PRO A 61 -10.31 6.60 -17.57
C PRO A 61 -11.72 6.37 -18.09
N ARG A 62 -11.83 6.08 -19.39
CA ARG A 62 -13.10 5.67 -19.99
C ARG A 62 -13.48 4.25 -19.62
N LYS A 63 -12.46 3.47 -19.26
CA LYS A 63 -12.54 2.03 -19.24
C LYS A 63 -11.54 1.51 -18.19
N VAL A 64 -11.95 0.53 -17.41
CA VAL A 64 -11.13 0.01 -16.35
C VAL A 64 -11.33 -1.49 -16.17
N LEU A 65 -10.43 -2.08 -15.40
CA LEU A 65 -10.45 -3.49 -15.12
C LEU A 65 -10.87 -3.68 -13.68
N LEU A 66 -11.89 -4.50 -13.45
CA LEU A 66 -12.35 -4.90 -12.12
C LEU A 66 -11.86 -6.31 -11.81
N ARG A 67 -11.15 -6.48 -10.71
CA ARG A 67 -10.58 -7.77 -10.29
C ARG A 67 -11.28 -8.22 -9.01
N LEU A 68 -12.13 -9.23 -9.08
CA LEU A 68 -12.74 -9.78 -7.88
C LEU A 68 -11.80 -10.79 -7.27
N TYR A 69 -11.60 -10.71 -5.96
CA TYR A 69 -10.77 -11.67 -5.25
C TYR A 69 -11.59 -12.96 -4.97
N GLY A 70 -10.89 -14.06 -4.63
CA GLY A 70 -11.54 -15.37 -4.38
C GLY A 70 -12.51 -15.43 -3.21
N GLU A 96 -1.82 -11.34 6.56
CA GLU A 96 -0.53 -10.72 6.26
C GLU A 96 -0.30 -10.56 4.77
N ALA A 97 -0.47 -11.65 4.03
CA ALA A 97 -0.22 -11.67 2.59
C ALA A 97 -1.11 -10.71 1.78
N MET A 98 -2.26 -10.38 2.34
CA MET A 98 -3.22 -9.48 1.73
C MET A 98 -2.70 -8.03 1.80
N VAL A 99 -2.09 -7.67 2.94
CA VAL A 99 -1.49 -6.33 3.13
C VAL A 99 -0.27 -6.14 2.24
N LEU A 100 0.62 -7.15 2.19
CA LEU A 100 1.84 -7.03 1.41
C LEU A 100 1.55 -6.93 -0.10
N GLU A 101 0.58 -7.70 -0.58
CA GLU A 101 0.31 -7.71 -2.03
C GLU A 101 -0.28 -6.37 -2.51
N SER A 102 -1.09 -5.76 -1.64
CA SER A 102 -1.73 -4.47 -1.93
C SER A 102 -0.74 -3.35 -1.93
N VAL A 103 0.16 -3.38 -0.92
CA VAL A 103 1.20 -2.34 -0.84
C VAL A 103 2.07 -2.38 -2.09
N MET A 104 2.38 -3.58 -2.53
CA MET A 104 3.29 -3.72 -3.61
C MET A 104 2.61 -3.35 -4.90
N PHE A 105 1.34 -3.73 -5.05
CA PHE A 105 0.61 -3.33 -6.26
C PHE A 105 0.57 -1.80 -6.37
N ALA A 106 0.37 -1.13 -5.23
CA ALA A 106 0.36 0.32 -5.19
C ALA A 106 1.72 0.93 -5.50
N ILE A 107 2.79 0.37 -4.93
CA ILE A 107 4.16 0.89 -5.17
C ILE A 107 4.50 0.84 -6.67
N LEU A 108 4.24 -0.29 -7.29
CA LEU A 108 4.50 -0.46 -8.74
C LEU A 108 3.70 0.48 -9.59
N ALA A 109 2.42 0.64 -9.24
CA ALA A 109 1.59 1.64 -9.90
C ALA A 109 2.20 3.06 -9.84
N GLU A 110 2.66 3.50 -8.67
CA GLU A 110 3.26 4.83 -8.55
C GLU A 110 4.49 5.00 -9.37
N ARG A 111 5.30 3.93 -9.49
CA ARG A 111 6.54 4.01 -10.27
C ARG A 111 6.34 3.77 -11.77
N SER A 112 5.08 3.62 -12.22
CA SER A 112 4.74 3.35 -13.64
C SER A 112 5.38 2.07 -14.17
N LEU A 113 5.46 1.05 -13.32
CA LEU A 113 5.93 -0.31 -13.71
C LEU A 113 4.80 -1.34 -13.59
N GLY A 114 3.59 -0.86 -13.38
CA GLY A 114 2.43 -1.71 -13.24
C GLY A 114 1.20 -0.93 -13.66
N PRO A 115 0.07 -1.62 -13.79
CA PRO A 115 -1.16 -0.90 -14.09
C PRO A 115 -1.48 0.07 -12.95
N LYS A 116 -2.02 1.24 -13.27
CA LYS A 116 -2.46 2.20 -12.23
C LYS A 116 -3.48 1.55 -11.33
N LEU A 117 -3.49 1.95 -10.06
CA LEU A 117 -4.46 1.44 -9.07
C LEU A 117 -5.56 2.48 -8.91
N TYR A 118 -6.81 2.14 -9.23
CA TYR A 118 -7.91 3.12 -9.12
C TYR A 118 -8.79 2.91 -7.93
N GLY A 119 -8.85 1.71 -7.38
CA GLY A 119 -9.73 1.48 -6.25
C GLY A 119 -9.36 0.20 -5.57
N ILE A 120 -9.43 0.17 -4.24
CA ILE A 120 -9.07 -1.02 -3.46
C ILE A 120 -10.17 -1.22 -2.40
N PHE A 121 -10.81 -2.39 -2.40
CA PHE A 121 -11.89 -2.71 -1.45
C PHE A 121 -11.80 -4.19 -1.04
N PRO A 122 -12.52 -4.63 0.01
CA PRO A 122 -12.31 -6.04 0.46
C PRO A 122 -12.60 -7.13 -0.59
N GLN A 123 -13.61 -6.89 -1.45
CA GLN A 123 -14.05 -7.86 -2.44
C GLN A 123 -13.23 -7.81 -3.75
N GLY A 124 -12.38 -6.79 -3.92
CA GLY A 124 -11.58 -6.67 -5.16
C GLY A 124 -10.79 -5.39 -5.36
N ARG A 125 -10.45 -5.08 -6.61
CA ARG A 125 -9.85 -3.79 -6.95
C ARG A 125 -10.07 -3.35 -8.38
N LEU A 126 -9.89 -2.06 -8.60
CA LEU A 126 -10.05 -1.44 -9.89
C LEU A 126 -8.69 -0.99 -10.41
N GLU A 127 -8.32 -1.46 -11.60
CA GLU A 127 -7.00 -1.21 -12.18
C GLU A 127 -7.12 -0.64 -13.58
N GLN A 128 -6.07 0.04 -14.00
CA GLN A 128 -5.95 0.47 -15.40
C GLN A 128 -6.23 -0.73 -16.31
N PHE A 129 -6.94 -0.49 -17.40
CA PHE A 129 -7.17 -1.49 -18.41
C PHE A 129 -6.14 -1.17 -19.48
N ILE A 130 -5.40 -2.21 -19.89
CA ILE A 130 -4.31 -2.04 -20.82
C ILE A 130 -4.62 -2.92 -22.02
N PRO A 131 -4.93 -2.31 -23.18
CA PRO A 131 -5.22 -3.11 -24.38
C PRO A 131 -3.97 -3.87 -24.83
N SER A 132 -4.09 -5.18 -24.93
CA SER A 132 -2.95 -6.07 -25.02
C SER A 132 -3.39 -7.51 -25.18
N ARG A 133 -2.44 -8.38 -25.44
CA ARG A 133 -2.64 -9.81 -25.23
C ARG A 133 -1.43 -10.38 -24.51
N ARG A 134 -1.61 -11.56 -23.92
CA ARG A 134 -0.48 -12.30 -23.37
C ARG A 134 0.38 -12.82 -24.54
N LEU A 135 1.66 -13.05 -24.25
CA LEU A 135 2.54 -13.73 -25.18
C LEU A 135 2.17 -15.20 -25.26
N ASP A 136 2.43 -15.82 -26.41
CA ASP A 136 2.36 -17.29 -26.53
C ASP A 136 3.73 -17.84 -26.22
N THR A 137 3.78 -19.07 -25.75
CA THR A 137 5.06 -19.73 -25.43
C THR A 137 6.12 -19.64 -26.51
N GLU A 138 5.72 -19.79 -27.78
CA GLU A 138 6.66 -19.85 -28.93
C GLU A 138 7.36 -18.49 -29.15
N GLU A 139 6.71 -17.40 -28.73
CA GLU A 139 7.25 -16.05 -28.84
C GLU A 139 8.34 -15.71 -27.85
N LEU A 140 8.49 -16.49 -26.79
CA LEU A 140 9.53 -16.20 -25.81
C LEU A 140 10.93 -16.26 -26.37
N SER A 141 11.11 -16.98 -27.48
CA SER A 141 12.43 -17.22 -28.07
C SER A 141 12.77 -16.27 -29.19
N LEU A 142 11.83 -15.44 -29.62
CA LEU A 142 12.13 -14.41 -30.59
C LEU A 142 13.18 -13.48 -29.96
N PRO A 143 14.30 -13.23 -30.65
CA PRO A 143 15.38 -12.43 -30.07
C PRO A 143 14.96 -11.09 -29.46
N ASP A 144 14.07 -10.35 -30.11
CA ASP A 144 13.69 -9.05 -29.63
C ASP A 144 12.80 -9.15 -28.40
N ILE A 145 11.96 -10.17 -28.37
CA ILE A 145 11.14 -10.44 -27.19
C ILE A 145 11.99 -10.88 -26.02
N SER A 146 12.88 -11.83 -26.25
CA SER A 146 13.75 -12.34 -25.20
C SER A 146 14.58 -11.18 -24.64
N ALA A 147 15.18 -10.38 -25.50
CA ALA A 147 15.97 -9.21 -25.04
C ALA A 147 15.20 -8.22 -24.15
N GLU A 148 13.96 -7.92 -24.51
CA GLU A 148 13.18 -7.02 -23.71
C GLU A 148 12.77 -7.63 -22.35
N ILE A 149 12.45 -8.91 -22.35
CA ILE A 149 12.09 -9.57 -21.10
C ILE A 149 13.27 -9.45 -20.13
N ALA A 150 14.46 -9.73 -20.64
CA ALA A 150 15.67 -9.57 -19.85
C ALA A 150 15.83 -8.15 -19.27
N GLU A 151 15.62 -7.13 -20.10
CA GLU A 151 15.73 -5.72 -19.67
C GLU A 151 14.73 -5.44 -18.56
N LYS A 152 13.49 -5.88 -18.73
CA LYS A 152 12.45 -5.61 -17.74
C LYS A 152 12.75 -6.30 -16.41
N MET A 153 13.12 -7.56 -16.49
CA MET A 153 13.45 -8.35 -15.30
C MET A 153 14.62 -7.69 -14.57
N ALA A 154 15.63 -7.27 -15.33
CA ALA A 154 16.78 -6.53 -14.78
C ALA A 154 16.38 -5.27 -14.06
N THR A 155 15.52 -4.48 -14.69
CA THR A 155 14.97 -3.28 -14.06
C THR A 155 14.24 -3.59 -12.77
N PHE A 156 13.35 -4.57 -12.86
CA PHE A 156 12.55 -5.07 -11.71
C PHE A 156 13.50 -5.53 -10.59
N HIS A 157 14.59 -6.24 -10.91
CA HIS A 157 15.53 -6.74 -9.89
C HIS A 157 16.26 -5.67 -9.13
N GLY A 158 16.51 -4.54 -9.80
CA GLY A 158 17.23 -3.43 -9.19
C GLY A 158 16.47 -2.57 -8.18
N MET A 159 15.14 -2.72 -8.09
CA MET A 159 14.38 -1.79 -7.29
C MET A 159 14.23 -2.16 -5.79
N LYS A 160 14.02 -1.12 -5.00
CA LYS A 160 13.95 -1.22 -3.54
C LYS A 160 12.50 -1.37 -3.18
N MET A 161 12.19 -2.33 -2.32
CA MET A 161 10.84 -2.55 -1.85
C MET A 161 10.87 -2.76 -0.34
N PRO A 162 9.78 -2.42 0.37
CA PRO A 162 9.80 -2.46 1.82
C PRO A 162 9.56 -3.85 2.40
N PHE A 163 10.17 -4.88 1.81
CA PHE A 163 9.93 -6.26 2.30
C PHE A 163 11.20 -6.91 2.81
N ASN A 164 11.02 -8.04 3.50
CA ASN A 164 12.12 -8.77 4.06
C ASN A 164 13.12 -9.15 2.97
N LYS A 165 14.39 -8.89 3.24
CA LYS A 165 15.47 -9.09 2.27
C LYS A 165 16.30 -10.36 2.47
N GLU A 166 16.03 -11.12 3.53
CA GLU A 166 16.60 -12.44 3.71
C GLU A 166 15.95 -13.33 2.67
N PRO A 167 16.75 -14.10 1.90
CA PRO A 167 16.22 -14.96 0.84
C PRO A 167 15.77 -16.34 1.36
N LYS A 168 14.81 -16.32 2.26
CA LYS A 168 14.32 -17.54 2.91
C LYS A 168 13.09 -18.14 2.22
N TRP A 169 12.46 -17.39 1.31
N TRP A 169 12.47 -17.37 1.32
CA TRP A 169 11.25 -17.89 0.69
CA TRP A 169 11.32 -17.76 0.53
C TRP A 169 11.47 -19.12 -0.19
C TRP A 169 11.49 -19.11 -0.20
N LEU A 170 12.62 -19.27 -0.86
CA LEU A 170 12.81 -20.44 -1.79
C LEU A 170 12.80 -21.80 -1.11
N PHE A 171 13.73 -21.99 -0.18
CA PHE A 171 13.80 -23.25 0.56
C PHE A 171 12.74 -23.36 1.65
N GLY A 172 12.38 -22.25 2.28
CA GLY A 172 11.25 -22.26 3.21
C GLY A 172 9.98 -22.80 2.54
N THR A 173 9.68 -22.33 1.34
CA THR A 173 8.52 -22.82 0.59
C THR A 173 8.65 -24.27 0.14
N MET A 174 9.83 -24.66 -0.35
CA MET A 174 10.04 -26.06 -0.77
C MET A 174 9.86 -27.00 0.41
N GLU A 175 10.40 -26.63 1.57
CA GLU A 175 10.21 -27.39 2.81
C GLU A 175 8.75 -27.52 3.20
N LYS A 176 8.03 -26.40 3.16
CA LYS A 176 6.63 -26.38 3.56
C LYS A 176 5.80 -27.32 2.65
N TYR A 177 5.97 -27.22 1.33
CA TYR A 177 5.21 -28.08 0.42
C TYR A 177 5.63 -29.53 0.49
N LEU A 178 6.91 -29.81 0.69
CA LEU A 178 7.38 -31.17 0.83
C LEU A 178 6.67 -31.87 1.97
N LYS A 179 6.64 -31.19 3.12
CA LYS A 179 5.94 -31.64 4.31
C LYS A 179 4.47 -31.94 4.03
N GLU A 180 3.75 -31.08 3.29
CA GLU A 180 2.34 -31.34 2.93
C GLU A 180 2.26 -32.55 2.03
N VAL A 181 3.18 -32.63 1.07
CA VAL A 181 3.17 -33.68 0.06
C VAL A 181 3.29 -35.08 0.69
N LEU A 182 4.11 -35.19 1.75
CA LEU A 182 4.27 -36.46 2.47
C LEU A 182 3.01 -36.90 3.24
N ARG A 183 2.15 -35.94 3.62
CA ARG A 183 0.90 -36.20 4.34
C ARG A 183 -0.33 -36.37 3.46
N ILE A 184 -0.20 -36.37 2.13
CA ILE A 184 -1.39 -36.33 1.25
C ILE A 184 -1.88 -37.73 0.90
N LYS A 185 -3.19 -37.92 1.13
CA LYS A 185 -3.90 -39.10 0.74
C LYS A 185 -4.88 -38.66 -0.33
N PHE A 186 -4.70 -39.22 -1.51
CA PHE A 186 -5.70 -39.07 -2.56
C PHE A 186 -6.71 -40.19 -2.42
N THR A 187 -7.89 -39.98 -2.99
CA THR A 187 -8.94 -40.98 -2.96
C THR A 187 -8.94 -41.80 -4.26
N GLU A 188 -8.72 -41.16 -5.40
CA GLU A 188 -8.77 -41.83 -6.70
C GLU A 188 -7.50 -42.67 -6.93
N GLU A 189 -7.66 -43.85 -7.50
CA GLU A 189 -6.53 -44.78 -7.63
C GLU A 189 -5.40 -44.20 -8.48
N SER A 190 -5.74 -43.63 -9.63
CA SER A 190 -4.76 -43.05 -10.57
C SER A 190 -3.86 -41.98 -9.94
N ARG A 191 -4.44 -41.08 -9.15
CA ARG A 191 -3.65 -40.12 -8.39
C ARG A 191 -2.78 -40.80 -7.33
N ILE A 192 -3.30 -41.82 -6.65
CA ILE A 192 -2.53 -42.56 -5.65
C ILE A 192 -1.30 -43.18 -6.33
N LYS A 193 -1.50 -43.79 -7.49
CA LYS A 193 -0.39 -44.39 -8.24
C LYS A 193 0.66 -43.32 -8.63
N LYS A 194 0.19 -42.21 -9.21
CA LYS A 194 1.05 -41.11 -9.65
C LYS A 194 1.86 -40.46 -8.52
N LEU A 195 1.23 -40.28 -7.35
CA LEU A 195 1.93 -39.79 -6.16
C LEU A 195 2.97 -40.77 -5.66
N HIS A 196 2.64 -42.05 -5.74
CA HIS A 196 3.55 -43.10 -5.29
C HIS A 196 4.83 -43.13 -6.18
N LYS A 197 4.70 -42.95 -7.49
CA LYS A 197 5.86 -42.85 -8.39
C LYS A 197 6.72 -41.63 -8.04
N LEU A 198 6.07 -40.51 -7.73
CA LEU A 198 6.79 -39.31 -7.33
C LEU A 198 7.53 -39.42 -6.00
N LEU A 199 6.92 -40.02 -4.97
CA LEU A 199 7.59 -40.25 -3.68
C LEU A 199 8.75 -41.25 -3.74
N SER A 200 8.72 -42.14 -4.74
CA SER A 200 9.81 -43.09 -5.05
C SER A 200 11.16 -42.47 -5.30
N TYR A 201 11.19 -41.20 -5.71
CA TYR A 201 12.46 -40.51 -5.92
C TYR A 201 13.17 -40.09 -4.61
N ASN A 202 12.52 -40.25 -3.45
CA ASN A 202 13.07 -39.80 -2.15
C ASN A 202 13.32 -38.29 -2.23
N LEU A 203 12.23 -37.55 -2.15
CA LEU A 203 12.23 -36.12 -2.31
C LEU A 203 12.96 -35.37 -1.16
N PRO A 204 12.85 -35.89 0.08
CA PRO A 204 13.57 -35.19 1.16
C PRO A 204 15.07 -35.26 1.02
N LEU A 205 15.57 -36.33 0.40
CA LEU A 205 17.00 -36.49 0.17
C LEU A 205 17.41 -35.62 -1.00
N GLU A 206 16.58 -35.64 -2.04
CA GLU A 206 16.80 -34.80 -3.22
C GLU A 206 16.76 -33.30 -2.91
N LEU A 207 15.89 -32.87 -2.00
CA LEU A 207 15.88 -31.47 -1.58
C LEU A 207 17.19 -31.08 -0.91
N GLU A 208 17.76 -31.95 -0.10
CA GLU A 208 19.07 -31.67 0.53
C GLU A 208 20.23 -31.59 -0.48
N ASN A 209 20.24 -32.48 -1.46
CA ASN A 209 21.22 -32.39 -2.54
C ASN A 209 21.10 -31.06 -3.30
N LEU A 210 19.85 -30.64 -3.55
CA LEU A 210 19.65 -29.38 -4.23
C LEU A 210 20.10 -28.21 -3.36
N ARG A 211 19.86 -28.30 -2.05
CA ARG A 211 20.34 -27.30 -1.10
C ARG A 211 21.85 -27.13 -1.19
N SER A 212 22.59 -28.25 -1.07
CA SER A 212 24.04 -28.14 -1.04
C SER A 212 24.57 -27.62 -2.38
N LEU A 213 23.93 -28.00 -3.48
CA LEU A 213 24.34 -27.47 -4.77
C LEU A 213 24.13 -25.96 -4.83
N LEU A 214 22.99 -25.49 -4.35
CA LEU A 214 22.67 -24.07 -4.48
C LEU A 214 23.38 -23.19 -3.46
N GLU A 215 23.59 -23.70 -2.24
CA GLU A 215 24.42 -23.03 -1.25
C GLU A 215 25.85 -22.78 -1.73
N SER A 216 26.35 -23.63 -2.63
CA SER A 216 27.65 -23.39 -3.29
C SER A 216 27.57 -22.66 -4.63
N THR A 217 26.45 -21.99 -4.91
CA THR A 217 26.27 -21.28 -6.16
C THR A 217 25.92 -19.83 -5.80
N PRO A 218 26.88 -18.90 -5.89
CA PRO A 218 26.54 -17.50 -5.55
C PRO A 218 25.54 -16.87 -6.48
N SER A 219 24.53 -16.23 -5.90
CA SER A 219 23.50 -15.52 -6.65
C SER A 219 23.06 -14.33 -5.79
N PRO A 220 23.13 -13.11 -6.31
CA PRO A 220 22.71 -11.98 -5.51
C PRO A 220 21.20 -12.03 -5.25
N VAL A 221 20.82 -11.66 -4.03
CA VAL A 221 19.45 -11.54 -3.65
C VAL A 221 18.89 -10.24 -4.24
N VAL A 222 17.79 -10.35 -4.95
CA VAL A 222 17.14 -9.22 -5.56
C VAL A 222 15.63 -9.37 -5.51
N PHE A 223 14.91 -8.34 -5.99
CA PHE A 223 13.43 -8.40 -5.99
C PHE A 223 12.95 -9.17 -7.22
N CYS A 224 12.50 -10.38 -6.98
CA CYS A 224 12.14 -11.30 -8.04
C CYS A 224 10.65 -11.29 -8.27
N HIS A 225 10.30 -11.47 -9.53
CA HIS A 225 8.92 -11.73 -9.92
C HIS A 225 8.46 -13.11 -9.48
N ASN A 226 9.34 -14.09 -9.66
CA ASN A 226 9.14 -15.50 -9.26
C ASN A 226 8.17 -16.32 -10.10
N ASP A 227 7.65 -15.76 -11.18
CA ASP A 227 6.67 -16.43 -12.03
C ASP A 227 6.65 -15.82 -13.43
N CYS A 228 7.83 -15.53 -13.96
CA CYS A 228 7.94 -14.78 -15.19
C CYS A 228 7.74 -15.70 -16.39
N GLN A 229 6.47 -16.06 -16.60
CA GLN A 229 6.02 -16.87 -17.71
C GLN A 229 5.23 -16.02 -18.75
N GLU A 230 5.10 -16.55 -19.96
CA GLU A 230 4.34 -15.91 -21.02
C GLU A 230 2.96 -15.34 -20.62
N GLY A 231 2.21 -16.05 -19.80
CA GLY A 231 0.88 -15.58 -19.41
C GLY A 231 0.89 -14.37 -18.51
N ASN A 232 2.06 -14.01 -17.98
CA ASN A 232 2.26 -12.79 -17.17
C ASN A 232 3.10 -11.78 -17.91
N ILE A 233 3.16 -11.87 -19.22
CA ILE A 233 3.83 -10.86 -20.04
C ILE A 233 2.86 -10.32 -21.08
N LEU A 234 2.57 -9.01 -21.03
CA LEU A 234 1.61 -8.43 -21.96
C LEU A 234 2.38 -7.87 -23.13
N LEU A 235 1.86 -8.14 -24.33
CA LEU A 235 2.26 -7.48 -25.57
C LEU A 235 1.32 -6.31 -25.80
N LEU A 236 1.85 -5.10 -25.76
CA LEU A 236 1.00 -3.89 -25.71
C LEU A 236 0.45 -3.53 -27.08
N GLU A 237 -0.85 -3.31 -27.14
CA GLU A 237 -1.52 -2.90 -28.40
C GLU A 237 -0.99 -1.57 -28.90
N GLY A 238 -0.79 -1.48 -30.22
CA GLY A 238 -0.13 -0.31 -30.84
C GLY A 238 1.38 -0.39 -30.94
N ARG A 239 2.04 -0.91 -29.91
CA ARG A 239 3.49 -0.87 -29.82
C ARG A 239 4.18 -2.07 -30.49
N GLU A 240 3.46 -2.86 -31.30
CA GLU A 240 4.04 -4.10 -31.89
C GLU A 240 5.30 -3.87 -32.73
N ASN A 241 5.43 -2.69 -33.32
CA ASN A 241 6.58 -2.34 -34.18
C ASN A 241 7.79 -1.78 -33.43
N SER A 242 7.59 -1.35 -32.18
CA SER A 242 8.73 -1.00 -31.30
C SER A 242 9.68 -2.19 -31.16
N GLU A 243 10.98 -1.93 -31.19
CA GLU A 243 11.97 -2.99 -31.05
C GLU A 243 12.07 -3.42 -29.59
N LYS A 244 12.23 -2.45 -28.67
CA LYS A 244 12.64 -2.71 -27.27
C LYS A 244 11.65 -2.27 -26.19
N GLN A 245 10.45 -1.80 -26.56
CA GLN A 245 9.48 -1.26 -25.59
C GLN A 245 8.03 -1.68 -25.89
N LYS A 246 7.84 -2.96 -26.17
CA LYS A 246 6.51 -3.47 -26.51
C LYS A 246 5.83 -4.32 -25.43
N LEU A 247 6.46 -4.49 -24.27
CA LEU A 247 5.96 -5.44 -23.28
C LEU A 247 5.82 -4.81 -21.92
N MET A 248 5.00 -5.44 -21.10
CA MET A 248 4.87 -5.14 -19.68
C MET A 248 4.81 -6.46 -18.91
N LEU A 249 5.57 -6.58 -17.83
CA LEU A 249 5.43 -7.67 -16.89
C LEU A 249 4.27 -7.38 -15.94
N ILE A 250 3.44 -8.38 -15.69
CA ILE A 250 2.32 -8.24 -14.75
C ILE A 250 2.28 -9.41 -13.77
N ASP A 251 1.34 -9.30 -12.84
CA ASP A 251 0.95 -10.34 -11.91
C ASP A 251 2.05 -10.73 -10.96
N PHE A 252 2.24 -9.88 -9.96
CA PHE A 252 3.35 -9.94 -9.04
C PHE A 252 2.96 -10.54 -7.69
N GLU A 253 1.95 -11.40 -7.66
CA GLU A 253 1.46 -11.98 -6.43
C GLU A 253 2.46 -12.96 -5.77
N TYR A 254 3.36 -13.54 -6.55
CA TYR A 254 4.40 -14.42 -6.00
C TYR A 254 5.76 -13.71 -5.77
N SER A 255 5.82 -12.39 -5.98
CA SER A 255 7.05 -11.63 -5.85
C SER A 255 7.66 -11.60 -4.48
N SER A 256 8.99 -11.64 -4.42
CA SER A 256 9.72 -11.51 -3.16
C SER A 256 11.18 -11.25 -3.40
N TYR A 257 11.90 -10.97 -2.34
CA TYR A 257 13.35 -11.00 -2.42
C TYR A 257 13.73 -12.47 -2.47
N ASN A 258 14.65 -12.80 -3.38
CA ASN A 258 14.99 -14.17 -3.74
C ASN A 258 16.25 -14.17 -4.58
N TYR A 259 16.84 -15.34 -4.75
CA TYR A 259 18.04 -15.44 -5.57
C TYR A 259 17.73 -15.13 -7.02
N ARG A 260 18.55 -14.28 -7.63
CA ARG A 260 18.40 -13.87 -9.01
C ARG A 260 18.32 -15.02 -9.98
N GLY A 261 19.09 -16.06 -9.68
CA GLY A 261 19.12 -17.23 -10.52
C GLY A 261 17.78 -17.91 -10.65
N PHE A 262 16.98 -17.86 -9.59
CA PHE A 262 15.68 -18.46 -9.64
C PHE A 262 14.79 -17.80 -10.70
N ASP A 263 14.83 -16.48 -10.77
CA ASP A 263 13.92 -15.73 -11.67
C ASP A 263 14.30 -16.02 -13.14
N ILE A 264 15.60 -16.03 -13.41
CA ILE A 264 16.05 -16.26 -14.77
C ILE A 264 15.91 -17.73 -15.09
N GLY A 265 16.40 -18.59 -14.20
CA GLY A 265 16.23 -20.02 -14.42
C GLY A 265 14.77 -20.44 -14.59
N ASN A 266 13.88 -19.88 -13.78
CA ASN A 266 12.45 -20.18 -13.92
C ASN A 266 11.93 -19.73 -15.28
N HIS A 267 12.30 -18.52 -15.71
CA HIS A 267 11.89 -18.06 -17.05
C HIS A 267 12.40 -18.99 -18.15
N PHE A 268 13.65 -19.43 -18.08
CA PHE A 268 14.17 -20.36 -19.08
C PHE A 268 13.34 -21.66 -19.09
N CYS A 269 13.00 -22.18 -17.92
CA CYS A 269 12.14 -23.37 -17.83
C CYS A 269 10.80 -23.18 -18.56
N GLU A 270 10.24 -21.98 -18.47
CA GLU A 270 8.97 -21.68 -19.10
C GLU A 270 8.92 -21.74 -20.63
N TRP A 271 10.07 -21.79 -21.27
CA TRP A 271 10.12 -22.01 -22.71
C TRP A 271 9.57 -23.41 -23.06
N MET A 272 9.65 -24.33 -22.10
CA MET A 272 9.25 -25.73 -22.29
C MET A 272 7.77 -26.06 -22.08
N TYR A 273 7.00 -25.18 -21.45
CA TYR A 273 5.61 -25.45 -21.07
C TYR A 273 4.68 -24.49 -21.76
N ASP A 274 3.57 -25.01 -22.26
CA ASP A 274 2.55 -24.24 -22.98
C ASP A 274 1.26 -24.58 -22.29
N TYR A 275 0.68 -23.62 -21.58
CA TYR A 275 -0.55 -23.86 -20.79
C TYR A 275 -1.86 -23.61 -21.56
N SER A 276 -1.77 -23.32 -22.87
CA SER A 276 -2.95 -23.00 -23.66
C SER A 276 -3.58 -24.22 -24.38
N TYR A 277 -2.96 -25.40 -24.27
CA TYR A 277 -3.47 -26.63 -24.88
C TYR A 277 -4.88 -26.93 -24.37
N GLU A 278 -5.79 -27.28 -25.29
CA GLU A 278 -7.25 -27.36 -24.95
C GLU A 278 -7.73 -28.72 -24.46
N LYS A 279 -6.99 -29.78 -24.75
CA LYS A 279 -7.31 -31.11 -24.25
C LYS A 279 -6.58 -31.36 -22.94
N TYR A 280 -7.11 -32.27 -22.14
CA TYR A 280 -6.40 -32.76 -20.94
C TYR A 280 -5.01 -33.28 -21.40
N PRO A 281 -3.93 -33.00 -20.65
CA PRO A 281 -3.94 -32.42 -19.29
C PRO A 281 -3.88 -30.89 -19.21
N PHE A 282 -4.12 -30.23 -20.33
CA PHE A 282 -4.20 -28.76 -20.44
C PHE A 282 -2.83 -28.04 -20.43
N PHE A 283 -1.79 -28.81 -20.74
CA PHE A 283 -0.51 -28.28 -21.03
C PHE A 283 0.22 -29.22 -21.97
N ARG A 284 1.27 -28.69 -22.58
CA ARG A 284 2.14 -29.44 -23.45
C ARG A 284 3.56 -29.14 -23.00
N ALA A 285 4.40 -30.15 -22.94
CA ALA A 285 5.77 -30.00 -22.40
C ALA A 285 6.74 -30.46 -23.45
N ASN A 286 7.83 -29.73 -23.64
CA ASN A 286 8.85 -30.12 -24.61
C ASN A 286 10.26 -29.75 -24.14
N ILE A 287 11.01 -30.77 -23.77
CA ILE A 287 12.33 -30.64 -23.24
C ILE A 287 13.32 -30.00 -24.24
N ARG A 288 13.11 -30.20 -25.54
CA ARG A 288 13.98 -29.66 -26.59
C ARG A 288 13.76 -28.18 -26.85
N LYS A 289 12.74 -27.59 -26.23
CA LYS A 289 12.49 -26.15 -26.37
C LYS A 289 13.19 -25.31 -25.32
N TYR A 290 13.87 -25.94 -24.35
CA TYR A 290 14.73 -25.20 -23.44
C TYR A 290 15.74 -24.41 -24.28
N PRO A 291 16.07 -23.16 -23.90
CA PRO A 291 16.95 -22.35 -24.72
C PRO A 291 18.33 -22.93 -24.88
N THR A 292 18.89 -22.75 -26.07
CA THR A 292 20.26 -23.16 -26.37
C THR A 292 21.20 -22.21 -25.65
N LYS A 293 22.43 -22.63 -25.47
CA LYS A 293 23.49 -21.77 -24.95
C LYS A 293 23.49 -20.41 -25.61
N LYS A 294 23.35 -20.42 -26.93
CA LYS A 294 23.29 -19.18 -27.72
C LYS A 294 22.12 -18.29 -27.26
N GLN A 295 20.94 -18.88 -27.19
CA GLN A 295 19.76 -18.13 -26.80
C GLN A 295 19.84 -17.66 -25.34
N GLN A 296 20.50 -18.45 -24.48
CA GLN A 296 20.72 -18.03 -23.09
C GLN A 296 21.64 -16.82 -23.04
N LEU A 297 22.71 -16.86 -23.83
CA LEU A 297 23.64 -15.74 -23.92
C LEU A 297 22.99 -14.49 -24.46
N HIS A 298 22.08 -14.63 -25.42
CA HIS A 298 21.37 -13.48 -25.95
C HIS A 298 20.59 -12.82 -24.81
N PHE A 299 19.85 -13.63 -24.06
CA PHE A 299 19.11 -13.17 -22.88
C PHE A 299 20.02 -12.49 -21.87
N ILE A 300 21.08 -13.15 -21.40
CA ILE A 300 21.87 -12.51 -20.34
C ILE A 300 22.73 -11.35 -20.84
N SER A 301 23.03 -11.32 -22.14
CA SER A 301 23.67 -10.15 -22.76
C SER A 301 22.83 -8.87 -22.69
N SER A 302 21.49 -8.98 -22.65
CA SER A 302 20.59 -7.83 -22.43
C SER A 302 20.37 -7.54 -20.94
N TYR A 303 20.31 -8.60 -20.16
CA TYR A 303 20.06 -8.47 -18.74
C TYR A 303 21.21 -7.75 -18.03
N LEU A 304 22.44 -8.16 -18.28
CA LEU A 304 23.60 -7.66 -17.51
C LEU A 304 23.81 -6.12 -17.57
N PRO A 305 23.84 -5.51 -18.78
CA PRO A 305 23.96 -4.06 -18.86
C PRO A 305 22.84 -3.29 -18.15
N ALA A 306 21.62 -3.86 -18.16
CA ALA A 306 20.47 -3.22 -17.53
C ALA A 306 20.39 -3.40 -16.02
N PHE A 307 21.20 -4.30 -15.46
CA PHE A 307 21.23 -4.59 -14.03
C PHE A 307 22.48 -4.05 -13.34
N GLN A 308 23.60 -4.02 -14.04
CA GLN A 308 24.89 -3.52 -13.54
C GLN A 308 25.33 -2.49 -14.58
N ASN A 309 25.20 -1.19 -14.29
CA ASN A 309 25.33 -0.14 -15.34
C ASN A 309 26.78 0.04 -15.89
N ASP A 310 27.79 -0.21 -15.04
CA ASP A 310 29.17 -0.27 -15.50
C ASP A 310 29.49 -1.43 -16.46
N PHE A 311 28.65 -2.47 -16.49
CA PHE A 311 28.95 -3.73 -17.20
C PHE A 311 29.40 -3.53 -18.66
N GLU A 312 28.79 -2.57 -19.38
CA GLU A 312 29.15 -2.37 -20.79
C GLU A 312 30.61 -1.98 -21.03
N ASN A 313 31.27 -1.39 -20.03
CA ASN A 313 32.65 -0.89 -20.13
C ASN A 313 33.68 -1.82 -19.46
N LEU A 314 33.47 -3.13 -19.49
CA LEU A 314 34.48 -4.08 -19.00
C LEU A 314 35.11 -4.66 -20.26
N SER A 315 36.27 -5.27 -20.07
CA SER A 315 36.95 -5.91 -21.18
C SER A 315 36.14 -7.11 -21.64
N THR A 316 36.14 -7.32 -22.94
CA THR A 316 35.75 -8.57 -23.58
C THR A 316 35.94 -9.84 -22.73
N GLU A 317 37.12 -10.03 -22.15
CA GLU A 317 37.42 -11.26 -21.41
C GLU A 317 36.70 -11.29 -20.06
N GLU A 318 36.62 -10.13 -19.40
CA GLU A 318 35.91 -10.00 -18.11
C GLU A 318 34.38 -10.20 -18.26
N LYS A 319 33.83 -9.73 -19.38
CA LYS A 319 32.44 -9.98 -19.74
C LYS A 319 32.12 -11.46 -19.94
N SER A 320 32.96 -12.14 -20.71
CA SER A 320 32.82 -13.59 -20.92
C SER A 320 32.85 -14.37 -19.63
N ILE A 321 33.70 -13.95 -18.68
CA ILE A 321 33.80 -14.65 -17.41
C ILE A 321 32.48 -14.51 -16.64
N ILE A 322 32.00 -13.28 -16.55
CA ILE A 322 30.73 -13.02 -15.87
C ILE A 322 29.60 -13.84 -16.50
N LYS A 323 29.50 -13.78 -17.81
CA LYS A 323 28.51 -14.52 -18.58
C LYS A 323 28.57 -16.04 -18.38
N GLU A 324 29.77 -16.61 -18.33
CA GLU A 324 29.90 -18.07 -18.19
C GLU A 324 29.51 -18.53 -16.80
N GLU A 325 29.85 -17.74 -15.79
CA GLU A 325 29.45 -18.01 -14.41
C GLU A 325 27.92 -17.84 -14.23
N MET A 326 27.34 -16.91 -15.00
CA MET A 326 25.92 -16.66 -14.95
C MET A 326 25.12 -17.84 -15.59
N LEU A 327 25.57 -18.34 -16.75
CA LEU A 327 25.02 -19.58 -17.27
C LEU A 327 24.99 -20.70 -16.23
N LEU A 328 26.09 -20.93 -15.52
CA LEU A 328 26.12 -21.98 -14.52
C LEU A 328 25.10 -21.70 -13.41
N GLU A 329 25.14 -20.48 -12.90
CA GLU A 329 24.18 -19.96 -11.93
C GLU A 329 22.69 -20.23 -12.27
N VAL A 330 22.26 -19.79 -13.45
CA VAL A 330 20.84 -19.82 -13.79
C VAL A 330 20.38 -21.24 -14.14
N ASN A 331 21.27 -22.03 -14.73
CA ASN A 331 20.93 -23.42 -15.05
C ASN A 331 20.86 -24.29 -13.80
N ARG A 332 21.63 -23.93 -12.78
CA ARG A 332 21.54 -24.62 -11.52
C ARG A 332 20.27 -24.24 -10.81
N PHE A 333 19.99 -22.93 -10.74
CA PHE A 333 18.71 -22.49 -10.12
C PHE A 333 17.45 -22.97 -10.89
N ALA A 334 17.59 -23.21 -12.19
CA ALA A 334 16.53 -23.85 -12.92
C ALA A 334 16.02 -25.16 -12.27
N LEU A 335 16.92 -25.91 -11.62
CA LEU A 335 16.53 -27.10 -10.88
C LEU A 335 15.53 -26.80 -9.77
N ALA A 336 15.72 -25.67 -9.10
CA ALA A 336 14.79 -25.23 -8.06
C ALA A 336 13.44 -24.80 -8.64
N SER A 337 13.42 -24.27 -9.86
CA SER A 337 12.15 -24.02 -10.53
C SER A 337 11.34 -25.33 -10.70
N HIS A 338 11.98 -26.35 -11.26
CA HIS A 338 11.37 -27.66 -11.45
C HIS A 338 10.92 -28.27 -10.11
N PHE A 339 11.80 -28.23 -9.10
CA PHE A 339 11.49 -28.84 -7.81
C PHE A 339 10.31 -28.15 -7.12
N LEU A 340 10.39 -26.84 -7.00
CA LEU A 340 9.31 -26.06 -6.37
C LEU A 340 7.96 -26.18 -7.06
N TRP A 341 7.91 -25.96 -8.36
CA TRP A 341 6.62 -26.00 -9.08
C TRP A 341 6.07 -27.41 -9.13
N GLY A 342 6.95 -28.40 -9.17
CA GLY A 342 6.55 -29.79 -9.04
C GLY A 342 5.86 -30.10 -7.71
N LEU A 343 6.43 -29.62 -6.60
CA LEU A 343 5.82 -29.84 -5.31
C LEU A 343 4.51 -29.08 -5.23
N TRP A 344 4.56 -27.79 -5.60
CA TRP A 344 3.36 -26.95 -5.68
C TRP A 344 2.21 -27.65 -6.37
N SER A 345 2.51 -28.21 -7.54
CA SER A 345 1.52 -28.81 -8.40
C SER A 345 0.88 -30.05 -7.75
N ILE A 346 1.65 -30.84 -6.99
CA ILE A 346 1.12 -31.98 -6.26
C ILE A 346 0.09 -31.50 -5.22
N VAL A 347 0.46 -30.50 -4.45
CA VAL A 347 -0.42 -29.90 -3.44
C VAL A 347 -1.67 -29.32 -4.10
N GLN A 348 -1.52 -28.70 -5.26
CA GLN A 348 -2.67 -28.17 -5.99
C GLN A 348 -3.61 -29.27 -6.45
N ALA A 349 -3.06 -30.45 -6.74
CA ALA A 349 -3.89 -31.58 -7.18
C ALA A 349 -4.85 -32.03 -6.09
N LYS A 350 -4.48 -31.83 -4.83
CA LYS A 350 -5.37 -32.08 -3.69
C LYS A 350 -6.41 -30.97 -3.51
N ILE A 351 -6.00 -29.70 -3.55
CA ILE A 351 -6.83 -28.57 -3.07
C ILE A 351 -7.41 -27.60 -4.11
N SER A 352 -6.89 -27.62 -5.34
CA SER A 352 -7.41 -26.77 -6.42
C SER A 352 -8.63 -27.45 -7.06
N SER A 353 -9.65 -26.64 -7.37
CA SER A 353 -10.81 -27.07 -8.16
C SER A 353 -10.61 -26.86 -9.67
N ILE A 354 -9.61 -26.03 -10.03
CA ILE A 354 -9.35 -25.67 -11.43
C ILE A 354 -9.05 -26.91 -12.28
N GLU A 355 -9.61 -26.95 -13.49
CA GLU A 355 -9.43 -28.08 -14.39
C GLU A 355 -8.02 -28.03 -15.01
N PHE A 356 -7.13 -28.88 -14.50
CA PHE A 356 -5.75 -28.93 -14.98
C PHE A 356 -5.14 -30.24 -14.49
N GLY A 357 -4.42 -30.94 -15.36
CA GLY A 357 -3.74 -32.17 -14.98
C GLY A 357 -2.50 -31.89 -14.12
N TYR A 358 -2.74 -31.48 -12.89
CA TYR A 358 -1.71 -31.13 -11.93
C TYR A 358 -0.67 -32.25 -11.68
N MET A 359 -1.11 -33.49 -11.51
CA MET A 359 -0.16 -34.59 -11.26
C MET A 359 0.68 -34.87 -12.49
N ASP A 360 0.08 -34.80 -13.68
CA ASP A 360 0.89 -34.97 -14.90
C ASP A 360 1.96 -33.88 -15.04
N TYR A 361 1.56 -32.65 -14.70
CA TYR A 361 2.46 -31.53 -14.68
C TYR A 361 3.58 -31.75 -13.69
N ALA A 362 3.26 -32.16 -12.46
CA ALA A 362 4.30 -32.53 -11.50
C ALA A 362 5.31 -33.53 -12.09
N GLN A 363 4.81 -34.61 -12.68
CA GLN A 363 5.70 -35.60 -13.29
C GLN A 363 6.57 -34.96 -14.38
N ALA A 364 6.01 -34.05 -15.18
CA ALA A 364 6.77 -33.38 -16.23
C ALA A 364 7.89 -32.50 -15.65
N ARG A 365 7.62 -31.83 -14.54
CA ARG A 365 8.64 -30.98 -13.91
C ARG A 365 9.74 -31.85 -13.30
N PHE A 366 9.40 -32.97 -12.70
CA PHE A 366 10.42 -33.84 -12.16
C PHE A 366 11.23 -34.56 -13.22
N ASP A 367 10.60 -34.98 -14.31
CA ASP A 367 11.35 -35.46 -15.49
C ASP A 367 12.40 -34.43 -15.92
N ALA A 368 11.98 -33.18 -16.12
CA ALA A 368 12.87 -32.11 -16.51
C ALA A 368 13.97 -31.87 -15.50
N TYR A 369 13.63 -31.98 -14.21
CA TYR A 369 14.60 -31.87 -13.14
C TYR A 369 15.75 -32.89 -13.32
N PHE A 370 15.39 -34.15 -13.44
CA PHE A 370 16.40 -35.21 -13.62
C PHE A 370 17.13 -35.09 -14.95
N HIS A 371 16.47 -34.61 -16.02
CA HIS A 371 17.16 -34.36 -17.28
C HIS A 371 18.21 -33.25 -17.13
N GLN A 372 17.83 -32.18 -16.46
CA GLN A 372 18.71 -31.04 -16.24
C GLN A 372 19.86 -31.38 -15.32
N LYS A 373 19.62 -32.22 -14.30
CA LYS A 373 20.70 -32.81 -13.50
C LYS A 373 21.74 -33.55 -14.36
N ARG A 374 21.27 -34.43 -15.24
CA ARG A 374 22.16 -35.11 -16.20
C ARG A 374 22.95 -34.12 -17.09
N LYS A 375 22.28 -33.11 -17.63
CA LYS A 375 22.91 -32.14 -18.53
C LYS A 375 24.04 -31.37 -17.85
N LEU A 376 23.85 -31.09 -16.58
CA LEU A 376 24.82 -30.33 -15.76
C LEU A 376 25.92 -31.17 -15.13
N GLY A 377 25.77 -32.49 -15.12
CA GLY A 377 26.70 -33.38 -14.42
C GLY A 377 26.68 -33.27 -12.92
N VAL A 378 25.59 -32.78 -12.33
CA VAL A 378 25.49 -32.67 -10.86
C VAL A 378 24.65 -33.83 -10.30
N ASP B 1 18.77 8.71 25.65
CA ASP B 1 19.21 7.29 25.73
C ASP B 1 18.43 6.54 26.83
N GLU B 2 17.09 6.52 26.71
CA GLU B 2 16.24 5.64 27.55
C GLU B 2 15.93 4.32 26.81
N GLN B 3 16.17 3.19 27.49
CA GLN B 3 16.28 1.87 26.85
C GLN B 3 15.00 1.03 27.00
N PRO B 4 14.64 0.25 25.97
CA PRO B 4 13.50 -0.67 26.08
C PRO B 4 13.89 -2.00 26.71
N GLU B 5 12.89 -2.85 26.96
CA GLU B 5 13.12 -4.18 27.58
C GLU B 5 13.94 -5.03 26.61
N PRO B 6 14.84 -5.90 27.13
CA PRO B 6 15.77 -6.63 26.22
C PRO B 6 15.09 -7.52 25.16
N ARG B 7 13.84 -7.95 25.42
CA ARG B 7 13.01 -8.68 24.44
C ARG B 7 12.51 -7.85 23.23
N THR B 8 12.12 -6.59 23.44
CA THR B 8 11.73 -5.69 22.34
C THR B 8 12.97 -5.28 21.54
N ARG B 9 14.05 -5.00 22.28
CA ARG B 9 15.35 -4.73 21.72
C ARG B 9 15.81 -5.78 20.72
N ARG B 10 15.60 -7.06 21.05
N ARG B 10 15.58 -7.05 21.03
CA ARG B 10 15.92 -8.19 20.17
CA ARG B 10 15.99 -8.15 20.12
C ARG B 10 15.08 -8.16 18.91
C ARG B 10 15.08 -8.24 18.89
N ARG B 11 13.77 -8.19 19.09
CA ARG B 11 12.80 -8.12 17.98
C ARG B 11 13.12 -6.99 17.00
N ALA B 12 13.41 -5.81 17.56
CA ALA B 12 13.69 -4.62 16.76
C ALA B 12 14.94 -4.79 15.97
N TYR B 13 15.98 -5.31 16.62
CA TYR B 13 17.24 -5.65 15.95
C TYR B 13 17.00 -6.50 14.69
N LEU B 14 16.13 -7.50 14.79
CA LEU B 14 15.90 -8.41 13.68
C LEU B 14 15.21 -7.73 12.51
N TRP B 15 14.20 -6.93 12.84
CA TRP B 15 13.49 -6.18 11.83
C TRP B 15 14.43 -5.27 11.05
N CYS B 16 15.28 -4.52 11.74
CA CYS B 16 16.17 -3.62 11.05
C CYS B 16 17.18 -4.38 10.18
N LYS B 17 17.78 -5.41 10.77
CA LYS B 17 18.73 -6.29 10.12
C LYS B 17 18.18 -6.88 8.83
N GLU B 18 16.98 -7.47 8.93
CA GLU B 18 16.34 -8.15 7.80
C GLU B 18 15.69 -7.19 6.73
N PHE B 19 15.17 -6.03 7.13
CA PHE B 19 14.45 -5.13 6.19
C PHE B 19 15.31 -4.04 5.56
N LEU B 20 16.37 -3.60 6.23
CA LEU B 20 17.14 -2.47 5.73
C LEU B 20 18.39 -2.94 5.02
N PRO B 21 18.78 -2.26 3.91
CA PRO B 21 19.96 -2.71 3.15
C PRO B 21 21.28 -2.11 3.66
N GLY B 22 22.38 -2.42 2.95
CA GLY B 22 23.68 -1.85 3.26
C GLY B 22 24.24 -2.37 4.57
N ALA B 23 24.77 -1.48 5.41
CA ALA B 23 25.49 -1.88 6.62
C ALA B 23 24.62 -2.62 7.61
N TRP B 24 23.32 -2.30 7.61
CA TRP B 24 22.32 -2.98 8.45
C TRP B 24 22.30 -4.52 8.28
N ARG B 25 22.55 -5.01 7.06
CA ARG B 25 22.41 -6.45 6.75
C ARG B 25 23.44 -7.29 7.50
N GLY B 26 24.66 -6.76 7.66
CA GLY B 26 25.71 -7.42 8.42
C GLY B 26 25.88 -7.04 9.89
N LEU B 27 24.89 -6.33 10.45
CA LEU B 27 25.02 -5.73 11.77
C LEU B 27 24.76 -6.77 12.92
N ARG B 28 25.53 -6.65 14.00
CA ARG B 28 25.42 -7.54 15.17
C ARG B 28 24.53 -6.94 16.26
N GLU B 29 23.82 -7.79 17.01
CA GLU B 29 22.91 -7.33 18.07
C GLU B 29 23.57 -6.33 19.01
N ASP B 30 24.82 -6.60 19.36
CA ASP B 30 25.59 -5.71 20.25
C ASP B 30 26.00 -4.35 19.65
N GLU B 31 25.88 -4.17 18.33
CA GLU B 31 26.20 -2.91 17.65
C GLU B 31 24.95 -2.05 17.36
N PHE B 32 23.77 -2.61 17.67
CA PHE B 32 22.48 -1.99 17.44
C PHE B 32 22.18 -0.94 18.52
N HIS B 33 22.00 0.32 18.11
CA HIS B 33 21.54 1.40 19.00
C HIS B 33 20.03 1.62 18.86
N ILE B 34 19.31 1.54 19.98
CA ILE B 34 17.88 1.83 20.02
C ILE B 34 17.54 2.62 21.31
N SER B 35 16.59 3.55 21.17
CA SER B 35 16.06 4.34 22.30
C SER B 35 14.59 4.68 22.06
N VAL B 36 13.88 5.01 23.13
CA VAL B 36 12.43 5.28 23.04
C VAL B 36 12.16 6.72 22.60
N ILE B 37 11.02 6.92 21.95
CA ILE B 37 10.43 8.26 21.72
C ILE B 37 9.03 8.37 22.37
N ARG B 38 8.21 7.34 22.17
CA ARG B 38 6.89 7.19 22.81
C ARG B 38 6.63 5.72 23.22
N GLY B 39 6.19 5.52 24.46
CA GLY B 39 5.75 4.22 24.98
C GLY B 39 4.29 4.29 25.43
N GLY B 40 3.85 3.27 26.16
CA GLY B 40 2.43 3.12 26.56
C GLY B 40 1.92 1.73 26.26
N LEU B 41 0.70 1.63 25.72
CA LEU B 41 0.07 0.35 25.32
C LEU B 41 -0.21 0.19 23.80
N SER B 42 -0.11 1.27 23.01
CA SER B 42 -0.56 1.30 21.60
C SER B 42 0.17 2.39 20.79
N ASN B 43 0.67 2.05 19.60
CA ASN B 43 1.60 2.89 18.81
C ASN B 43 2.81 3.42 19.61
N MET B 44 3.81 2.54 19.75
CA MET B 44 5.06 2.80 20.49
C MET B 44 6.19 3.07 19.48
N LEU B 45 6.99 4.08 19.75
CA LEU B 45 7.95 4.57 18.80
C LEU B 45 9.35 4.47 19.32
N PHE B 46 10.26 4.02 18.44
CA PHE B 46 11.68 3.93 18.79
C PHE B 46 12.53 4.51 17.68
N GLN B 47 13.68 5.05 18.04
CA GLN B 47 14.68 5.52 17.11
C GLN B 47 15.81 4.46 17.06
N CYS B 48 16.01 3.86 15.92
CA CYS B 48 16.98 2.79 15.75
C CYS B 48 18.08 3.34 14.86
N SER B 49 19.34 3.05 15.19
CA SER B 49 20.45 3.54 14.38
C SER B 49 21.73 2.68 14.36
N LEU B 50 22.52 2.94 13.32
CA LEU B 50 23.87 2.47 13.20
C LEU B 50 24.76 3.20 14.22
N PRO B 51 25.81 2.51 14.74
CA PRO B 51 26.74 3.21 15.62
C PRO B 51 27.53 4.22 14.79
N ASP B 52 27.89 5.35 15.39
CA ASP B 52 28.59 6.43 14.68
C ASP B 52 29.87 5.98 13.95
N THR B 53 30.56 4.99 14.52
CA THR B 53 31.77 4.41 13.92
C THR B 53 31.52 3.59 12.63
N THR B 54 30.31 3.02 12.45
CA THR B 54 30.02 2.21 11.27
C THR B 54 29.76 3.08 10.01
N ALA B 55 30.33 2.65 8.90
CA ALA B 55 30.16 3.32 7.59
C ALA B 55 29.02 2.69 6.78
N THR B 56 28.32 3.53 6.04
CA THR B 56 27.31 3.07 5.09
C THR B 56 27.96 2.60 3.81
N LEU B 57 27.30 1.69 3.11
CA LEU B 57 27.81 1.12 1.85
C LEU B 57 27.16 1.74 0.61
N GLY B 58 26.01 2.38 0.78
CA GLY B 58 25.32 3.07 -0.31
C GLY B 58 24.45 4.17 0.24
N ASP B 59 23.21 4.21 -0.20
CA ASP B 59 22.28 5.27 0.22
C ASP B 59 21.30 4.82 1.33
N GLU B 60 21.64 3.79 2.10
CA GLU B 60 20.79 3.38 3.22
C GLU B 60 20.82 4.43 4.32
N PRO B 61 19.74 4.50 5.13
CA PRO B 61 19.70 5.48 6.22
C PRO B 61 20.57 5.07 7.38
N ARG B 62 21.16 6.04 8.08
CA ARG B 62 21.91 5.78 9.32
C ARG B 62 20.96 5.50 10.48
N LYS B 63 19.74 6.01 10.35
CA LYS B 63 18.82 6.15 11.45
C LYS B 63 17.38 6.02 10.93
N VAL B 64 16.54 5.30 11.65
CA VAL B 64 15.17 5.07 11.22
C VAL B 64 14.22 5.05 12.42
N LEU B 65 12.94 5.10 12.10
CA LEU B 65 11.89 5.11 13.10
C LEU B 65 11.19 3.78 13.02
N LEU B 66 11.07 3.09 14.15
CA LEU B 66 10.29 1.85 14.27
C LEU B 66 8.95 2.15 14.96
N ARG B 67 7.85 1.79 14.32
CA ARG B 67 6.50 1.99 14.86
C ARG B 67 5.88 0.65 15.17
N LEU B 68 5.73 0.32 16.45
CA LEU B 68 5.02 -0.92 16.81
C LEU B 68 3.54 -0.65 16.88
N TYR B 69 2.74 -1.52 16.28
CA TYR B 69 1.29 -1.37 16.31
C TYR B 69 0.71 -1.86 17.65
N GLY B 70 -0.52 -1.48 17.97
CA GLY B 70 -1.22 -1.89 19.21
C GLY B 70 -1.47 -3.38 19.34
N GLU B 96 -9.87 -4.71 7.19
CA GLU B 96 -10.02 -3.76 6.08
C GLU B 96 -9.20 -2.51 6.31
N ALA B 97 -9.39 -1.87 7.47
CA ALA B 97 -8.74 -0.57 7.77
C ALA B 97 -7.21 -0.66 7.82
N MET B 98 -6.70 -1.85 8.10
CA MET B 98 -5.28 -2.11 8.18
C MET B 98 -4.66 -2.14 6.78
N VAL B 99 -5.39 -2.71 5.81
CA VAL B 99 -4.95 -2.72 4.40
C VAL B 99 -4.93 -1.32 3.80
N LEU B 100 -5.99 -0.57 4.02
CA LEU B 100 -6.10 0.78 3.44
C LEU B 100 -5.06 1.73 4.03
N GLU B 101 -4.78 1.63 5.32
CA GLU B 101 -3.81 2.53 5.96
C GLU B 101 -2.38 2.30 5.46
N SER B 102 -2.06 1.04 5.19
CA SER B 102 -0.74 0.65 4.68
C SER B 102 -0.55 1.09 3.25
N VAL B 103 -1.59 0.89 2.44
CA VAL B 103 -1.54 1.31 1.04
C VAL B 103 -1.32 2.80 0.96
N MET B 104 -2.02 3.53 1.83
CA MET B 104 -1.95 4.96 1.75
C MET B 104 -0.62 5.45 2.25
N PHE B 105 -0.10 4.83 3.30
CA PHE B 105 1.23 5.19 3.80
C PHE B 105 2.27 5.00 2.71
N ALA B 106 2.14 3.92 1.95
CA ALA B 106 3.03 3.65 0.82
C ALA B 106 2.89 4.65 -0.30
N ILE B 107 1.65 4.98 -0.68
CA ILE B 107 1.41 5.94 -1.77
C ILE B 107 2.05 7.29 -1.44
N LEU B 108 1.80 7.80 -0.24
CA LEU B 108 2.36 9.08 0.19
C LEU B 108 3.90 9.05 0.23
N ALA B 109 4.48 7.96 0.73
CA ALA B 109 5.92 7.77 0.67
C ALA B 109 6.49 7.89 -0.74
N GLU B 110 5.87 7.22 -1.72
CA GLU B 110 6.38 7.29 -3.11
C GLU B 110 6.28 8.71 -3.66
N ARG B 111 5.25 9.46 -3.28
CA ARG B 111 5.07 10.83 -3.78
C ARG B 111 5.85 11.89 -2.97
N SER B 112 6.67 11.46 -2.00
CA SER B 112 7.47 12.36 -1.14
C SER B 112 6.61 13.35 -0.34
N LEU B 113 5.42 12.93 0.08
CA LEU B 113 4.51 13.72 0.92
C LEU B 113 4.32 13.08 2.30
N GLY B 114 5.12 12.06 2.57
CA GLY B 114 5.19 11.47 3.89
C GLY B 114 6.57 10.86 4.08
N PRO B 115 6.85 10.37 5.29
CA PRO B 115 8.11 9.70 5.51
C PRO B 115 8.25 8.48 4.59
N LYS B 116 9.46 8.23 4.09
CA LYS B 116 9.71 7.01 3.27
C LYS B 116 9.38 5.77 4.07
N LEU B 117 8.91 4.73 3.38
CA LEU B 117 8.53 3.45 4.00
C LEU B 117 9.67 2.46 3.78
N TYR B 118 10.30 1.98 4.85
CA TYR B 118 11.45 1.05 4.69
C TYR B 118 11.06 -0.40 4.96
N GLY B 119 10.05 -0.65 5.76
CA GLY B 119 9.69 -2.03 6.01
C GLY B 119 8.31 -2.10 6.61
N ILE B 120 7.56 -3.12 6.23
CA ILE B 120 6.17 -3.29 6.68
C ILE B 120 6.01 -4.76 7.12
N PHE B 121 5.62 -4.98 8.37
CA PHE B 121 5.44 -6.33 8.91
C PHE B 121 4.21 -6.35 9.85
N PRO B 122 3.70 -7.54 10.24
CA PRO B 122 2.45 -7.52 11.04
C PRO B 122 2.49 -6.77 12.36
N GLN B 123 3.63 -6.79 13.04
CA GLN B 123 3.79 -6.17 14.36
C GLN B 123 4.15 -4.67 14.28
N GLY B 124 4.46 -4.14 13.08
CA GLY B 124 4.82 -2.71 12.94
C GLY B 124 5.34 -2.24 11.57
N ARG B 125 6.06 -1.11 11.56
CA ARG B 125 6.76 -0.69 10.35
C ARG B 125 7.98 0.20 10.60
N LEU B 126 8.84 0.27 9.58
CA LEU B 126 10.06 1.05 9.63
C LEU B 126 9.97 2.21 8.66
N GLU B 127 10.15 3.41 9.20
CA GLU B 127 9.94 4.65 8.43
C GLU B 127 11.15 5.55 8.53
N GLN B 128 11.30 6.42 7.54
CA GLN B 128 12.28 7.49 7.59
C GLN B 128 12.18 8.21 8.95
N PHE B 129 13.33 8.54 9.52
CA PHE B 129 13.37 9.33 10.72
C PHE B 129 13.62 10.75 10.25
N ILE B 130 12.81 11.67 10.75
CA ILE B 130 12.86 13.05 10.33
C ILE B 130 13.17 13.88 11.55
N PRO B 131 14.38 14.48 11.61
CA PRO B 131 14.73 15.33 12.79
C PRO B 131 13.83 16.56 12.82
N SER B 132 13.15 16.76 13.93
CA SER B 132 12.04 17.70 13.97
C SER B 132 11.44 17.78 15.36
N ARG B 133 10.55 18.74 15.54
CA ARG B 133 9.64 18.67 16.68
C ARG B 133 8.22 18.97 16.19
N ARG B 134 7.25 18.57 17.00
CA ARG B 134 5.88 18.98 16.75
C ARG B 134 5.73 20.52 17.00
N LEU B 135 4.75 21.13 16.35
CA LEU B 135 4.38 22.50 16.63
C LEU B 135 3.69 22.57 17.96
N ASP B 136 3.80 23.72 18.65
CA ASP B 136 2.99 23.98 19.85
C ASP B 136 1.71 24.68 19.41
N THR B 137 0.66 24.57 20.21
CA THR B 137 -0.62 25.22 19.89
C THR B 137 -0.51 26.71 19.56
N GLU B 138 0.32 27.43 20.29
CA GLU B 138 0.48 28.91 20.15
C GLU B 138 1.09 29.29 18.79
N GLU B 139 1.87 28.39 18.20
CA GLU B 139 2.51 28.59 16.88
C GLU B 139 1.58 28.48 15.70
N LEU B 140 0.40 27.91 15.89
CA LEU B 140 -0.53 27.77 14.78
C LEU B 140 -0.96 29.10 14.19
N SER B 141 -0.89 30.17 14.99
CA SER B 141 -1.40 31.48 14.60
C SER B 141 -0.33 32.40 14.02
N LEU B 142 0.93 32.00 14.06
CA LEU B 142 1.96 32.75 13.39
C LEU B 142 1.65 32.78 11.89
N PRO B 143 1.61 33.98 11.28
CA PRO B 143 1.20 34.08 9.86
C PRO B 143 1.92 33.14 8.89
N ASP B 144 3.21 32.97 9.04
CA ASP B 144 3.94 32.12 8.09
C ASP B 144 3.67 30.65 8.33
N ILE B 145 3.47 30.28 9.58
CA ILE B 145 3.06 28.92 9.92
C ILE B 145 1.67 28.61 9.40
N SER B 146 0.72 29.50 9.67
CA SER B 146 -0.65 29.32 9.24
C SER B 146 -0.70 29.22 7.70
N ALA B 147 -0.01 30.12 7.01
CA ALA B 147 0.05 30.08 5.53
C ALA B 147 0.57 28.76 4.95
N GLU B 148 1.62 28.22 5.55
CA GLU B 148 2.17 26.98 5.05
C GLU B 148 1.24 25.79 5.34
N ILE B 149 0.61 25.80 6.49
CA ILE B 149 -0.35 24.71 6.81
C ILE B 149 -1.43 24.69 5.74
N ALA B 150 -1.95 25.85 5.41
CA ALA B 150 -2.94 25.97 4.35
C ALA B 150 -2.45 25.42 3.01
N GLU B 151 -1.21 25.75 2.63
CA GLU B 151 -0.61 25.29 1.35
C GLU B 151 -0.53 23.76 1.36
N LYS B 152 -0.08 23.19 2.46
CA LYS B 152 0.09 21.74 2.55
C LYS B 152 -1.24 21.03 2.51
N MET B 153 -2.19 21.51 3.27
CA MET B 153 -3.53 20.94 3.31
C MET B 153 -4.14 21.00 1.90
N ALA B 154 -3.98 22.13 1.23
CA ALA B 154 -4.41 22.30 -0.17
C ALA B 154 -3.80 21.26 -1.09
N THR B 155 -2.50 21.08 -0.98
CA THR B 155 -1.77 20.07 -1.77
C THR B 155 -2.32 18.68 -1.50
N PHE B 156 -2.44 18.36 -0.22
CA PHE B 156 -3.01 17.10 0.26
C PHE B 156 -4.43 16.90 -0.30
N HIS B 157 -5.26 17.94 -0.30
CA HIS B 157 -6.65 17.84 -0.79
C HIS B 157 -6.76 17.54 -2.27
N GLY B 158 -5.78 18.00 -3.05
CA GLY B 158 -5.76 17.79 -4.47
C GLY B 158 -5.34 16.40 -4.99
N MET B 159 -4.93 15.50 -4.12
CA MET B 159 -4.45 14.20 -4.58
C MET B 159 -5.50 13.16 -4.89
N LYS B 160 -5.16 12.28 -5.85
CA LYS B 160 -6.00 11.15 -6.22
C LYS B 160 -5.52 9.98 -5.38
N MET B 161 -6.46 9.28 -4.74
CA MET B 161 -6.15 8.13 -3.93
C MET B 161 -7.18 7.05 -4.25
N PRO B 162 -6.80 5.77 -4.10
CA PRO B 162 -7.70 4.70 -4.54
C PRO B 162 -8.75 4.35 -3.51
N PHE B 163 -9.37 5.35 -2.89
CA PHE B 163 -10.38 5.08 -1.84
C PHE B 163 -11.76 5.56 -2.20
N ASN B 164 -12.72 5.12 -1.42
CA ASN B 164 -14.12 5.50 -1.62
C ASN B 164 -14.28 7.00 -1.60
N LYS B 165 -14.94 7.57 -2.60
CA LYS B 165 -15.09 9.01 -2.75
C LYS B 165 -16.47 9.54 -2.34
N GLU B 166 -17.39 8.67 -1.95
CA GLU B 166 -18.64 9.09 -1.31
C GLU B 166 -18.27 9.61 0.08
N PRO B 167 -18.74 10.82 0.45
CA PRO B 167 -18.40 11.42 1.74
C PRO B 167 -19.31 10.96 2.89
N LYS B 168 -19.32 9.66 3.12
CA LYS B 168 -20.16 9.03 4.14
C LYS B 168 -19.44 8.83 5.47
N TRP B 169 -18.12 9.01 5.50
N TRP B 169 -18.12 9.03 5.45
CA TRP B 169 -17.39 8.78 6.77
CA TRP B 169 -17.26 8.97 6.61
C TRP B 169 -17.80 9.76 7.88
C TRP B 169 -17.83 9.74 7.81
N LEU B 170 -18.13 11.02 7.56
CA LEU B 170 -18.46 12.01 8.62
C LEU B 170 -19.70 11.70 9.44
N PHE B 171 -20.84 11.59 8.77
CA PHE B 171 -22.08 11.22 9.44
C PHE B 171 -22.19 9.78 9.81
N GLY B 172 -21.64 8.88 8.99
CA GLY B 172 -21.57 7.47 9.36
C GLY B 172 -20.85 7.30 10.70
N THR B 173 -19.73 7.97 10.88
CA THR B 173 -18.99 7.90 12.14
C THR B 173 -19.74 8.56 13.32
N MET B 174 -20.35 9.72 13.09
CA MET B 174 -21.09 10.39 14.16
C MET B 174 -22.26 9.53 14.61
N GLU B 175 -22.96 8.91 13.65
CA GLU B 175 -24.04 7.96 13.98
C GLU B 175 -23.54 6.77 14.79
N LYS B 176 -22.42 6.19 14.37
CA LYS B 176 -21.89 5.01 15.04
C LYS B 176 -21.52 5.34 16.50
N TYR B 177 -20.83 6.46 16.73
CA TYR B 177 -20.47 6.83 18.12
C TYR B 177 -21.67 7.24 18.95
N LEU B 178 -22.63 7.94 18.35
CA LEU B 178 -23.85 8.30 19.07
C LEU B 178 -24.56 7.07 19.64
N LYS B 179 -24.72 6.07 18.79
CA LYS B 179 -25.29 4.78 19.17
C LYS B 179 -24.52 4.11 20.34
N GLU B 180 -23.18 4.15 20.34
CA GLU B 180 -22.40 3.62 21.49
C GLU B 180 -22.64 4.45 22.72
N VAL B 181 -22.66 5.76 22.52
CA VAL B 181 -22.81 6.72 23.63
C VAL B 181 -24.12 6.50 24.40
N LEU B 182 -25.18 6.17 23.67
CA LEU B 182 -26.49 5.89 24.28
C LEU B 182 -26.53 4.60 25.10
N ARG B 183 -25.65 3.66 24.79
CA ARG B 183 -25.55 2.38 25.53
C ARG B 183 -24.58 2.39 26.72
N ILE B 184 -23.93 3.50 27.04
CA ILE B 184 -22.83 3.48 28.03
C ILE B 184 -23.31 3.70 29.47
N LYS B 185 -22.86 2.79 30.34
CA LYS B 185 -23.08 2.89 31.78
C LYS B 185 -21.74 3.06 32.38
N PHE B 186 -21.52 4.19 33.02
CA PHE B 186 -20.32 4.35 33.87
C PHE B 186 -20.66 3.86 35.27
N THR B 187 -19.64 3.49 36.04
CA THR B 187 -19.85 3.09 37.43
C THR B 187 -19.52 4.25 38.37
N GLU B 188 -18.47 5.03 38.06
CA GLU B 188 -18.01 6.10 38.97
C GLU B 188 -18.91 7.33 38.89
N GLU B 189 -19.16 7.94 40.05
CA GLU B 189 -20.20 8.97 40.18
C GLU B 189 -19.96 10.16 39.23
N SER B 190 -18.73 10.70 39.23
CA SER B 190 -18.43 11.94 38.49
C SER B 190 -18.63 11.77 36.98
N ARG B 191 -18.23 10.62 36.45
CA ARG B 191 -18.49 10.30 35.05
C ARG B 191 -20.01 10.15 34.79
N ILE B 192 -20.75 9.53 35.72
CA ILE B 192 -22.20 9.37 35.57
C ILE B 192 -22.83 10.76 35.50
N LYS B 193 -22.44 11.65 36.39
CA LYS B 193 -22.98 13.00 36.39
C LYS B 193 -22.69 13.73 35.06
N LYS B 194 -21.42 13.69 34.63
CA LYS B 194 -20.97 14.34 33.39
C LYS B 194 -21.66 13.82 32.15
N LEU B 195 -21.87 12.49 32.07
CA LEU B 195 -22.63 11.89 30.95
C LEU B 195 -24.08 12.32 30.96
N HIS B 196 -24.64 12.43 32.15
N HIS B 196 -24.69 12.44 32.15
CA HIS B 196 -26.04 12.82 32.30
CA HIS B 196 -26.09 12.90 32.25
C HIS B 196 -26.26 14.27 31.78
C HIS B 196 -26.20 14.27 31.65
N LYS B 197 -25.35 15.18 32.09
CA LYS B 197 -25.39 16.55 31.58
C LYS B 197 -25.28 16.59 30.06
N LEU B 198 -24.41 15.75 29.50
CA LEU B 198 -24.27 15.65 28.06
C LEU B 198 -25.49 15.08 27.32
N LEU B 199 -26.11 14.02 27.86
CA LEU B 199 -27.35 13.46 27.26
C LEU B 199 -28.56 14.39 27.37
N SER B 200 -28.55 15.32 28.35
CA SER B 200 -29.57 16.37 28.50
C SER B 200 -29.77 17.25 27.29
N TYR B 201 -28.76 17.36 26.44
CA TYR B 201 -28.87 18.17 25.23
C TYR B 201 -29.68 17.50 24.13
N ASN B 202 -30.10 16.23 24.30
CA ASN B 202 -30.80 15.45 23.26
C ASN B 202 -29.91 15.40 22.00
N LEU B 203 -28.89 14.56 22.09
CA LEU B 203 -27.89 14.47 21.04
C LEU B 203 -28.43 13.89 19.71
N PRO B 204 -29.38 12.94 19.79
CA PRO B 204 -29.89 12.41 18.51
C PRO B 204 -30.67 13.43 17.71
N LEU B 205 -31.28 14.38 18.40
CA LEU B 205 -32.03 15.43 17.75
C LEU B 205 -31.06 16.48 17.23
N GLU B 206 -30.06 16.81 18.05
CA GLU B 206 -29.01 17.75 17.65
C GLU B 206 -28.19 17.23 16.45
N LEU B 207 -27.93 15.91 16.37
CA LEU B 207 -27.24 15.37 15.21
C LEU B 207 -28.05 15.57 13.94
N GLU B 208 -29.36 15.38 14.00
CA GLU B 208 -30.21 15.65 12.81
C GLU B 208 -30.24 17.11 12.37
N ASN B 209 -30.29 18.03 13.33
CA ASN B 209 -30.20 19.45 13.03
C ASN B 209 -28.88 19.78 12.36
N LEU B 210 -27.79 19.17 12.84
CA LEU B 210 -26.49 19.40 12.23
C LEU B 210 -26.45 18.81 10.83
N ARG B 211 -27.07 17.65 10.63
CA ARG B 211 -27.20 17.06 9.28
C ARG B 211 -27.86 18.02 8.32
N SER B 212 -29.05 18.52 8.67
CA SER B 212 -29.79 19.35 7.72
C SER B 212 -29.03 20.67 7.47
N LEU B 213 -28.34 21.19 8.48
CA LEU B 213 -27.53 22.37 8.26
C LEU B 213 -26.42 22.09 7.27
N LEU B 214 -25.74 20.95 7.42
CA LEU B 214 -24.59 20.64 6.59
C LEU B 214 -24.96 20.16 5.19
N GLU B 215 -26.07 19.41 5.07
CA GLU B 215 -26.64 19.07 3.75
C GLU B 215 -26.94 20.32 2.89
N SER B 216 -27.27 21.43 3.53
CA SER B 216 -27.44 22.71 2.82
C SER B 216 -26.18 23.60 2.79
N THR B 217 -25.01 23.01 3.03
CA THR B 217 -23.76 23.76 3.01
C THR B 217 -22.84 23.08 2.01
N PRO B 218 -22.71 23.63 0.79
CA PRO B 218 -21.84 22.98 -0.19
C PRO B 218 -20.37 23.00 0.21
N SER B 219 -19.72 21.85 0.07
CA SER B 219 -18.29 21.68 0.32
C SER B 219 -17.81 20.58 -0.61
N PRO B 220 -16.80 20.87 -1.44
CA PRO B 220 -16.28 19.81 -2.30
C PRO B 220 -15.65 18.68 -1.51
N VAL B 221 -15.92 17.44 -1.94
CA VAL B 221 -15.31 16.27 -1.35
C VAL B 221 -13.86 16.17 -1.82
N VAL B 222 -12.95 16.08 -0.87
CA VAL B 222 -11.52 15.96 -1.19
C VAL B 222 -10.84 14.99 -0.24
N PHE B 223 -9.55 14.73 -0.46
CA PHE B 223 -8.81 13.83 0.41
C PHE B 223 -8.33 14.56 1.67
N CYS B 224 -9.00 14.29 2.78
CA CYS B 224 -8.80 15.01 4.01
C CYS B 224 -7.89 14.26 4.95
N HIS B 225 -7.10 15.03 5.70
CA HIS B 225 -6.32 14.52 6.78
C HIS B 225 -7.21 14.12 7.96
N ASN B 226 -8.19 14.97 8.26
CA ASN B 226 -9.21 14.76 9.31
C ASN B 226 -8.75 14.91 10.75
N ASP B 227 -7.50 15.32 10.95
CA ASP B 227 -6.94 15.46 12.30
C ASP B 227 -5.76 16.42 12.29
N CYS B 228 -5.90 17.50 11.55
CA CYS B 228 -4.79 18.40 11.30
C CYS B 228 -4.57 19.34 12.49
N GLN B 229 -4.02 18.74 13.56
CA GLN B 229 -3.65 19.42 14.79
C GLN B 229 -2.12 19.59 14.91
N GLU B 230 -1.70 20.51 15.76
CA GLU B 230 -0.27 20.76 16.02
C GLU B 230 0.58 19.49 16.27
N GLY B 231 0.06 18.51 17.00
CA GLY B 231 0.84 17.32 17.27
C GLY B 231 1.08 16.42 16.06
N ASN B 232 0.38 16.69 14.94
CA ASN B 232 0.58 16.01 13.68
C ASN B 232 1.19 16.94 12.64
N ILE B 233 1.88 17.99 13.09
CA ILE B 233 2.60 18.86 12.19
C ILE B 233 4.05 18.99 12.64
N LEU B 234 4.99 18.58 11.79
CA LEU B 234 6.41 18.61 12.15
C LEU B 234 6.98 19.91 11.67
N LEU B 235 7.79 20.53 12.53
CA LEU B 235 8.69 21.62 12.17
C LEU B 235 10.04 20.98 11.89
N LEU B 236 10.50 21.09 10.66
CA LEU B 236 11.66 20.31 10.19
C LEU B 236 12.95 20.96 10.63
N GLU B 237 13.82 20.17 11.25
CA GLU B 237 15.12 20.66 11.73
C GLU B 237 15.99 21.12 10.57
N GLY B 238 16.71 22.23 10.79
CA GLY B 238 17.47 22.88 9.72
C GLY B 238 16.70 23.94 8.93
N ARG B 239 15.43 23.67 8.64
CA ARG B 239 14.67 24.51 7.72
C ARG B 239 13.93 25.65 8.44
N GLU B 240 14.27 25.97 9.70
CA GLU B 240 13.55 27.00 10.48
C GLU B 240 13.51 28.38 9.82
N ASN B 241 14.54 28.70 9.02
CA ASN B 241 14.66 29.98 8.32
C ASN B 241 13.88 30.07 7.00
N SER B 242 13.51 28.93 6.41
CA SER B 242 12.62 28.90 5.24
C SER B 242 11.29 29.59 5.55
N GLU B 243 10.79 30.38 4.61
CA GLU B 243 9.53 31.08 4.82
C GLU B 243 8.36 30.10 4.65
N LYS B 244 8.36 29.37 3.52
CA LYS B 244 7.19 28.58 3.06
C LYS B 244 7.38 27.06 2.95
N GLN B 245 8.51 26.52 3.40
CA GLN B 245 8.81 25.06 3.27
C GLN B 245 9.48 24.48 4.51
N LYS B 246 8.96 24.80 5.69
CA LYS B 246 9.52 24.31 6.95
C LYS B 246 8.72 23.22 7.66
N LEU B 247 7.61 22.77 7.08
CA LEU B 247 6.69 21.86 7.79
C LEU B 247 6.37 20.65 6.97
N MET B 248 5.95 19.61 7.68
CA MET B 248 5.38 18.40 7.07
C MET B 248 4.19 17.96 7.89
N LEU B 249 3.09 17.65 7.23
CA LEU B 249 1.94 17.02 7.86
C LEU B 249 2.17 15.52 8.00
N ILE B 250 1.86 14.96 9.16
CA ILE B 250 2.06 13.53 9.39
C ILE B 250 0.82 12.90 10.01
N ASP B 251 0.88 11.57 10.18
CA ASP B 251 -0.10 10.77 10.91
C ASP B 251 -1.46 10.78 10.24
N PHE B 252 -1.54 10.01 9.18
CA PHE B 252 -2.71 10.01 8.29
C PHE B 252 -3.65 8.84 8.51
N GLU B 253 -3.65 8.28 9.71
CA GLU B 253 -4.47 7.12 10.00
C GLU B 253 -6.00 7.45 10.05
N TYR B 254 -6.37 8.71 10.24
CA TYR B 254 -7.79 9.09 10.15
C TYR B 254 -8.21 9.66 8.76
N SER B 255 -7.30 9.65 7.79
CA SER B 255 -7.54 10.23 6.47
C SER B 255 -8.62 9.55 5.68
N SER B 256 -9.38 10.35 4.94
CA SER B 256 -10.40 9.81 4.04
C SER B 256 -10.88 10.87 3.08
N TYR B 257 -11.67 10.47 2.09
CA TYR B 257 -12.42 11.46 1.32
C TYR B 257 -13.52 11.97 2.24
N ASN B 258 -13.68 13.29 2.25
CA ASN B 258 -14.55 13.98 3.21
C ASN B 258 -14.75 15.41 2.75
N TYR B 259 -15.69 16.10 3.36
CA TYR B 259 -15.94 17.48 3.00
C TYR B 259 -14.74 18.32 3.39
N ARG B 260 -14.32 19.17 2.46
CA ARG B 260 -13.18 20.07 2.67
C ARG B 260 -13.35 20.94 3.90
N GLY B 261 -14.58 21.33 4.16
CA GLY B 261 -14.91 22.15 5.32
C GLY B 261 -14.55 21.53 6.63
N PHE B 262 -14.66 20.21 6.71
CA PHE B 262 -14.32 19.53 7.94
C PHE B 262 -12.84 19.69 8.27
N ASP B 263 -11.99 19.60 7.26
CA ASP B 263 -10.53 19.61 7.47
C ASP B 263 -10.09 20.99 7.95
N ILE B 264 -10.65 22.01 7.31
CA ILE B 264 -10.27 23.39 7.64
C ILE B 264 -10.95 23.75 8.93
N GLY B 265 -12.24 23.50 9.04
CA GLY B 265 -12.96 23.76 10.30
C GLY B 265 -12.32 23.06 11.51
N ASN B 266 -11.93 21.80 11.33
CA ASN B 266 -11.31 21.06 12.42
C ASN B 266 -9.96 21.71 12.78
N HIS B 267 -9.15 22.06 11.79
CA HIS B 267 -7.88 22.78 12.09
C HIS B 267 -8.11 24.08 12.85
N PHE B 268 -9.12 24.88 12.45
CA PHE B 268 -9.42 26.10 13.17
C PHE B 268 -9.78 25.79 14.62
N CYS B 269 -10.61 24.76 14.86
CA CYS B 269 -10.95 24.37 16.20
C CYS B 269 -9.73 24.06 17.06
N GLU B 270 -8.71 23.45 16.45
CA GLU B 270 -7.50 23.07 17.17
C GLU B 270 -6.65 24.22 17.70
N TRP B 271 -6.93 25.44 17.26
CA TRP B 271 -6.27 26.60 17.85
C TRP B 271 -6.69 26.76 19.32
N MET B 272 -7.84 26.24 19.69
CA MET B 272 -8.40 26.36 21.04
C MET B 272 -7.95 25.34 22.09
N TYR B 273 -7.35 24.22 21.66
CA TYR B 273 -7.03 23.10 22.55
C TYR B 273 -5.53 22.90 22.58
N ASP B 274 -5.01 22.72 23.79
CA ASP B 274 -3.59 22.52 24.02
C ASP B 274 -3.52 21.25 24.85
N TYR B 275 -2.98 20.20 24.24
CA TYR B 275 -2.92 18.87 24.86
C TYR B 275 -1.64 18.63 25.71
N SER B 276 -0.80 19.66 25.87
CA SER B 276 0.46 19.51 26.59
C SER B 276 0.38 19.89 28.09
N TYR B 277 -0.79 20.32 28.57
CA TYR B 277 -1.00 20.61 30.00
C TYR B 277 -0.70 19.39 30.86
N GLU B 278 0.05 19.56 31.95
CA GLU B 278 0.64 18.43 32.69
C GLU B 278 -0.23 17.89 33.82
N LYS B 279 -1.15 18.70 34.32
CA LYS B 279 -2.07 18.29 35.38
C LYS B 279 -3.35 17.79 34.72
N TYR B 280 -4.12 16.99 35.46
CA TYR B 280 -5.48 16.61 35.04
C TYR B 280 -6.27 17.91 34.80
N PRO B 281 -7.09 17.99 33.75
CA PRO B 281 -7.48 16.86 32.85
C PRO B 281 -6.58 16.64 31.63
N PHE B 282 -5.40 17.24 31.62
CA PHE B 282 -4.37 17.06 30.57
C PHE B 282 -4.65 17.78 29.23
N PHE B 283 -5.52 18.78 29.30
CA PHE B 283 -5.67 19.73 28.24
C PHE B 283 -6.16 21.03 28.82
N ARG B 284 -6.03 22.08 28.02
CA ARG B 284 -6.57 23.38 28.36
C ARG B 284 -7.33 23.84 27.12
N ALA B 285 -8.49 24.44 27.34
CA ALA B 285 -9.35 24.91 26.28
C ALA B 285 -9.56 26.39 26.41
N ASN B 286 -9.56 27.10 25.28
CA ASN B 286 -9.79 28.54 25.30
C ASN B 286 -10.54 29.03 24.06
N ILE B 287 -11.78 29.39 24.31
CA ILE B 287 -12.68 29.81 23.25
C ILE B 287 -12.21 31.09 22.52
N ARG B 288 -11.50 31.97 23.22
N ARG B 288 -11.51 31.98 23.23
CA ARG B 288 -11.00 33.22 22.62
CA ARG B 288 -11.03 33.24 22.62
C ARG B 288 -9.79 33.05 21.71
C ARG B 288 -9.82 33.04 21.70
N LYS B 289 -9.24 31.84 21.66
CA LYS B 289 -8.12 31.52 20.80
C LYS B 289 -8.52 31.02 19.43
N TYR B 290 -9.82 30.82 19.19
CA TYR B 290 -10.31 30.52 17.84
C TYR B 290 -9.86 31.68 16.93
N PRO B 291 -9.45 31.39 15.68
CA PRO B 291 -8.94 32.44 14.83
C PRO B 291 -9.98 33.51 14.51
N THR B 292 -9.49 34.75 14.41
CA THR B 292 -10.32 35.90 14.01
C THR B 292 -10.65 35.74 12.54
N LYS B 293 -11.69 36.43 12.09
CA LYS B 293 -12.01 36.48 10.68
C LYS B 293 -10.80 36.82 9.84
N LYS B 294 -10.00 37.78 10.33
CA LYS B 294 -8.78 38.18 9.67
C LYS B 294 -7.82 37.00 9.52
N GLN B 295 -7.57 36.31 10.62
CA GLN B 295 -6.66 35.15 10.60
C GLN B 295 -7.20 34.02 9.74
N GLN B 296 -8.53 33.85 9.69
CA GLN B 296 -9.15 32.85 8.83
C GLN B 296 -8.93 33.20 7.37
N LEU B 297 -9.08 34.48 7.04
CA LEU B 297 -8.83 34.96 5.68
C LEU B 297 -7.39 34.79 5.28
N HIS B 298 -6.46 35.00 6.19
CA HIS B 298 -5.04 34.81 5.89
C HIS B 298 -4.85 33.33 5.51
N PHE B 299 -5.39 32.41 6.32
CA PHE B 299 -5.37 30.98 6.02
C PHE B 299 -5.99 30.66 4.65
N ILE B 300 -7.23 31.04 4.39
CA ILE B 300 -7.83 30.64 3.10
C ILE B 300 -7.27 31.38 1.89
N SER B 301 -6.68 32.57 2.14
CA SER B 301 -5.93 33.28 1.09
C SER B 301 -4.70 32.54 0.60
N SER B 302 -4.07 31.69 1.44
CA SER B 302 -2.98 30.79 1.01
C SER B 302 -3.49 29.47 0.45
N TYR B 303 -4.58 28.96 1.02
CA TYR B 303 -5.15 27.70 0.58
C TYR B 303 -5.65 27.77 -0.85
N LEU B 304 -6.43 28.81 -1.19
CA LEU B 304 -7.12 28.86 -2.49
C LEU B 304 -6.18 28.82 -3.73
N PRO B 305 -5.15 29.70 -3.79
CA PRO B 305 -4.18 29.63 -4.87
C PRO B 305 -3.47 28.28 -5.01
N ALA B 306 -3.21 27.63 -3.90
CA ALA B 306 -2.53 26.32 -3.90
C ALA B 306 -3.43 25.13 -4.26
N PHE B 307 -4.74 25.34 -4.28
CA PHE B 307 -5.72 24.30 -4.61
C PHE B 307 -6.36 24.48 -5.98
N GLN B 308 -6.52 25.73 -6.41
CA GLN B 308 -7.06 26.10 -7.73
C GLN B 308 -6.04 27.07 -8.34
N ASN B 309 -5.24 26.63 -9.31
CA ASN B 309 -4.03 27.43 -9.72
C ASN B 309 -4.32 28.76 -10.45
N ASP B 310 -5.40 28.78 -11.21
CA ASP B 310 -5.92 30.02 -11.82
C ASP B 310 -6.42 31.08 -10.82
N PHE B 311 -6.69 30.68 -9.56
CA PHE B 311 -7.38 31.55 -8.59
C PHE B 311 -6.89 33.00 -8.50
N GLU B 312 -5.59 33.24 -8.58
CA GLU B 312 -5.08 34.63 -8.43
C GLU B 312 -5.56 35.60 -9.54
N ASN B 313 -5.91 35.07 -10.71
CA ASN B 313 -6.40 35.86 -11.86
C ASN B 313 -7.91 35.85 -12.06
N LEU B 314 -8.68 35.85 -10.96
CA LEU B 314 -10.12 36.07 -11.05
C LEU B 314 -10.38 37.49 -10.66
N SER B 315 -11.60 37.97 -10.91
CA SER B 315 -11.92 39.34 -10.54
C SER B 315 -11.97 39.45 -9.02
N THR B 316 -11.45 40.57 -8.52
CA THR B 316 -11.59 40.96 -7.12
C THR B 316 -12.95 40.58 -6.49
N GLU B 317 -14.04 40.83 -7.20
N GLU B 317 -14.05 40.87 -7.20
CA GLU B 317 -15.37 40.59 -6.64
CA GLU B 317 -15.40 40.59 -6.73
C GLU B 317 -15.68 39.08 -6.55
C GLU B 317 -15.69 39.09 -6.57
N GLU B 318 -15.26 38.31 -7.56
CA GLU B 318 -15.46 36.85 -7.61
C GLU B 318 -14.60 36.14 -6.54
N LYS B 319 -13.39 36.65 -6.28
CA LYS B 319 -12.57 36.15 -5.19
C LYS B 319 -13.18 36.35 -3.82
N SER B 320 -13.68 37.57 -3.56
CA SER B 320 -14.38 37.87 -2.32
C SER B 320 -15.57 36.97 -2.09
N ILE B 321 -16.30 36.66 -3.15
CA ILE B 321 -17.49 35.79 -3.02
C ILE B 321 -17.06 34.40 -2.59
N ILE B 322 -16.07 33.83 -3.28
CA ILE B 322 -15.56 32.52 -2.96
C ILE B 322 -15.07 32.48 -1.51
N LYS B 323 -14.27 33.46 -1.12
CA LYS B 323 -13.75 33.59 0.21
C LYS B 323 -14.82 33.69 1.30
N GLU B 324 -15.86 34.47 1.04
CA GLU B 324 -16.90 34.69 2.07
C GLU B 324 -17.76 33.48 2.24
N GLU B 325 -18.04 32.76 1.15
CA GLU B 325 -18.77 31.50 1.20
C GLU B 325 -17.93 30.40 1.85
N MET B 326 -16.60 30.48 1.70
CA MET B 326 -15.70 29.53 2.33
C MET B 326 -15.66 29.74 3.86
N LEU B 327 -15.56 30.99 4.32
CA LEU B 327 -15.72 31.26 5.74
C LEU B 327 -17.01 30.63 6.31
N LEU B 328 -18.14 30.80 5.64
CA LEU B 328 -19.39 30.24 6.14
C LEU B 328 -19.31 28.73 6.19
N GLU B 329 -18.86 28.15 5.08
CA GLU B 329 -18.58 26.72 4.95
C GLU B 329 -17.73 26.12 6.10
N VAL B 330 -16.56 26.68 6.35
CA VAL B 330 -15.63 26.09 7.32
C VAL B 330 -16.07 26.30 8.75
N ASN B 331 -16.73 27.42 9.03
CA ASN B 331 -17.25 27.68 10.37
C ASN B 331 -18.47 26.79 10.68
N ARG B 332 -19.23 26.43 9.65
CA ARG B 332 -20.32 25.53 9.81
C ARG B 332 -19.82 24.14 10.01
N PHE B 333 -18.87 23.70 9.19
CA PHE B 333 -18.26 22.36 9.40
C PHE B 333 -17.47 22.24 10.71
N ALA B 334 -16.97 23.36 11.22
CA ALA B 334 -16.41 23.39 12.56
C ALA B 334 -17.35 22.79 13.62
N LEU B 335 -18.66 22.96 13.45
CA LEU B 335 -19.64 22.34 14.35
C LEU B 335 -19.53 20.83 14.36
N ALA B 336 -19.28 20.24 13.19
CA ALA B 336 -19.09 18.80 13.08
C ALA B 336 -17.76 18.35 13.72
N SER B 337 -16.72 19.18 13.68
CA SER B 337 -15.52 18.89 14.45
C SER B 337 -15.82 18.73 15.96
N HIS B 338 -16.51 19.73 16.51
CA HIS B 338 -16.93 19.69 17.92
C HIS B 338 -17.80 18.48 18.22
N PHE B 339 -18.80 18.23 17.37
CA PHE B 339 -19.75 17.14 17.61
C PHE B 339 -19.06 15.78 17.56
N LEU B 340 -18.31 15.53 16.49
CA LEU B 340 -17.61 14.27 16.32
C LEU B 340 -16.61 13.97 17.41
N TRP B 341 -15.70 14.91 17.69
CA TRP B 341 -14.67 14.67 18.69
C TRP B 341 -15.25 14.59 20.08
N GLY B 342 -16.33 15.32 20.31
CA GLY B 342 -17.09 15.20 21.55
C GLY B 342 -17.66 13.80 21.78
N LEU B 343 -18.26 13.23 20.75
CA LEU B 343 -18.81 11.88 20.89
C LEU B 343 -17.68 10.89 21.02
N TRP B 344 -16.68 10.99 20.15
CA TRP B 344 -15.45 10.17 20.22
C TRP B 344 -14.90 10.13 21.65
N SER B 345 -14.79 11.30 22.26
CA SER B 345 -14.19 11.45 23.58
C SER B 345 -15.00 10.75 24.66
N ILE B 346 -16.33 10.78 24.56
CA ILE B 346 -17.22 10.08 25.50
C ILE B 346 -16.96 8.58 25.41
N VAL B 347 -16.94 8.05 24.19
CA VAL B 347 -16.64 6.64 23.95
C VAL B 347 -15.26 6.27 24.48
N GLN B 348 -14.28 7.13 24.29
CA GLN B 348 -12.93 6.88 24.80
C GLN B 348 -12.91 6.85 26.32
N ALA B 349 -13.79 7.61 26.97
CA ALA B 349 -13.84 7.62 28.43
C ALA B 349 -14.24 6.26 29.00
N LYS B 350 -15.04 5.50 28.24
CA LYS B 350 -15.39 4.13 28.60
C LYS B 350 -14.25 3.13 28.32
N ILE B 351 -13.61 3.23 27.15
CA ILE B 351 -12.72 2.16 26.64
C ILE B 351 -11.22 2.41 26.60
N SER B 352 -10.79 3.68 26.68
CA SER B 352 -9.37 4.01 26.68
C SER B 352 -8.79 3.87 28.08
N SER B 353 -7.58 3.32 28.15
CA SER B 353 -6.80 3.26 29.39
C SER B 353 -5.87 4.48 29.56
N ILE B 354 -5.66 5.23 28.48
CA ILE B 354 -4.76 6.40 28.46
C ILE B 354 -5.23 7.46 29.48
N GLU B 355 -4.27 8.05 30.18
CA GLU B 355 -4.54 9.09 31.19
C GLU B 355 -4.94 10.40 30.52
N PHE B 356 -6.24 10.70 30.53
CA PHE B 356 -6.76 11.93 29.93
C PHE B 356 -8.17 12.17 30.44
N GLY B 357 -8.49 13.40 30.78
CA GLY B 357 -9.86 13.75 31.18
C GLY B 357 -10.83 13.81 30.01
N TYR B 358 -11.15 12.64 29.50
CA TYR B 358 -11.99 12.49 28.32
C TYR B 358 -13.38 13.14 28.46
N MET B 359 -14.04 12.95 29.61
CA MET B 359 -15.37 13.54 29.79
C MET B 359 -15.31 15.04 29.90
N ASP B 360 -14.29 15.57 30.55
CA ASP B 360 -14.12 17.03 30.59
C ASP B 360 -13.91 17.62 29.19
N TYR B 361 -13.11 16.90 28.39
CA TYR B 361 -12.89 17.27 27.01
C TYR B 361 -14.18 17.22 26.20
N ALA B 362 -14.96 16.17 26.33
CA ALA B 362 -16.29 16.12 25.70
C ALA B 362 -17.14 17.38 26.05
N GLN B 363 -17.21 17.70 27.34
CA GLN B 363 -17.95 18.88 27.77
C GLN B 363 -17.39 20.16 27.12
N ALA B 364 -16.06 20.26 26.99
CA ALA B 364 -15.44 21.43 26.36
C ALA B 364 -15.80 21.54 24.90
N ARG B 365 -15.86 20.41 24.19
CA ARG B 365 -16.21 20.43 22.78
C ARG B 365 -17.69 20.81 22.60
N PHE B 366 -18.56 20.31 23.46
CA PHE B 366 -19.97 20.68 23.34
C PHE B 366 -20.25 22.13 23.76
N ASP B 367 -19.56 22.64 24.78
CA ASP B 367 -19.57 24.07 25.08
C ASP B 367 -19.24 24.90 23.83
N ALA B 368 -18.13 24.57 23.19
CA ALA B 368 -17.71 25.24 21.97
C ALA B 368 -18.72 25.12 20.85
N TYR B 369 -19.34 23.94 20.74
CA TYR B 369 -20.40 23.69 19.76
C TYR B 369 -21.54 24.69 19.92
N PHE B 370 -22.07 24.78 21.13
CA PHE B 370 -23.17 25.72 21.40
C PHE B 370 -22.76 27.17 21.30
N HIS B 371 -21.50 27.52 21.62
CA HIS B 371 -21.00 28.88 21.44
C HIS B 371 -20.93 29.22 19.94
N GLN B 372 -20.44 28.28 19.15
CA GLN B 372 -20.33 28.46 17.71
C GLN B 372 -21.69 28.53 17.03
N LYS B 373 -22.65 27.73 17.48
CA LYS B 373 -24.04 27.90 17.07
C LYS B 373 -24.56 29.34 17.30
N ARG B 374 -24.37 29.88 18.50
N ARG B 374 -24.33 29.91 18.48
CA ARG B 374 -24.73 31.27 18.82
CA ARG B 374 -24.77 31.28 18.77
C ARG B 374 -24.02 32.28 17.89
C ARG B 374 -24.01 32.33 17.93
N LYS B 375 -22.72 32.12 17.66
CA LYS B 375 -21.95 33.06 16.82
C LYS B 375 -22.48 33.13 15.39
N LEU B 376 -22.94 31.99 14.89
CA LEU B 376 -23.42 31.84 13.53
C LEU B 376 -24.91 32.19 13.35
N GLY B 377 -25.65 32.32 14.45
CA GLY B 377 -27.10 32.47 14.39
C GLY B 377 -27.84 31.23 13.89
N VAL B 378 -27.17 30.08 13.86
CA VAL B 378 -27.82 28.81 13.58
C VAL B 378 -28.08 28.17 14.94
#